data_7CGT
#
_entry.id   7CGT
#
_cell.length_a   95.000
_cell.length_b   104.800
_cell.length_c   113.600
_cell.angle_alpha   90.00
_cell.angle_beta   90.00
_cell.angle_gamma   90.00
#
_symmetry.space_group_name_H-M   'P 21 21 21'
#
loop_
_entity.id
_entity.type
_entity.pdbx_description
1 polymer 'CYCLODEXTRIN GLYCOSYLTRANSFERASE'
2 non-polymer 'CALCIUM ION'
3 water water
#
_entity_poly.entity_id   1
_entity_poly.type   'polypeptide(L)'
_entity_poly.pdbx_seq_one_letter_code
;DPDTAVTNKQSFSTDVIYQVFTDRFLDGNPSNNPTGAAYDATCSNLKLYCGGDWQGLINKINDNYFSDLGVTALWISQPV
ENIFATINYSGVTNTAYHGYWARDFKKTNPYFGTMADFQNLITTAHAKGIKIVIDFAPNHTSPAMETDTSFAENGRLYDN
GTLVGGYTNDTNGYFHHNGGSDFSSLENGIYKNLYDLADFNHNNATIDKYFKDAIKLWLDMGVDGIRVAAVKHMPLGWQK
SWMSSIYAHKPVFTFGEWFLGSAASDADNTDFANKSGMSLLDFRFNSAVRNVFRDNTSNMYALDSMINSTATDYNQVNDQ
VTFIDNHDMDRFKTSAVNNRRLEQALAFTLTSRGVPAIYYGTEQYLTGNGDPDNRAKMPSFSKSTTAFNVISKLAPLRKS
NPAIAYGSTQQRWINNDVYVYERKFGKSVAVVAVNRNLSTSASITGLSTSLPTGSYTDVLGGVLNGNNITSTNGSINNFT
LAAGATAVWQYTTAETTPTIGHVGPVMGKPGNVVTIDGRGFGSTKGTVYFGTTAVTGAAITSWEDTQIKVTIPSVAAGNY
AVKVAASGVNSNAYNNFTILTGDQVTVRFVVNNASTTLGQNLYLTGNVAELGNWSTGSTAIGPAFNQVIHQYPTWYYDVS
VPAGKQLEFKFFKKNGSTITWESGSNHTFTTPASGTATVTVNWQ
;
_entity_poly.pdbx_strand_id   A
#
loop_
_chem_comp.id
_chem_comp.type
_chem_comp.name
_chem_comp.formula
CA non-polymer 'CALCIUM ION' 'Ca 2'
#
# COMPACT_ATOMS: atom_id res chain seq x y z
N ASP A 1 -3.24 -23.36 6.05
CA ASP A 1 -2.98 -23.26 4.57
C ASP A 1 -1.55 -22.78 4.42
N PRO A 2 -0.93 -23.04 3.27
CA PRO A 2 0.43 -22.52 3.22
C PRO A 2 0.35 -20.98 3.06
N ASP A 3 1.42 -20.29 3.45
CA ASP A 3 1.52 -18.81 3.35
C ASP A 3 1.27 -18.27 1.94
N THR A 4 1.50 -19.13 0.96
CA THR A 4 1.36 -18.88 -0.47
C THR A 4 -0.09 -18.90 -0.96
N ALA A 5 -0.95 -19.62 -0.23
CA ALA A 5 -2.36 -19.75 -0.57
C ALA A 5 -3.07 -18.41 -0.74
N VAL A 6 -4.10 -18.42 -1.58
CA VAL A 6 -4.86 -17.19 -1.80
C VAL A 6 -5.58 -16.81 -0.50
N THR A 7 -5.67 -17.76 0.42
CA THR A 7 -6.34 -17.56 1.69
C THR A 7 -5.69 -16.50 2.59
N ASN A 8 -4.39 -16.31 2.37
CA ASN A 8 -3.57 -15.38 3.14
C ASN A 8 -3.84 -13.90 2.85
N LYS A 9 -4.94 -13.38 3.38
CA LYS A 9 -5.34 -11.97 3.19
C LYS A 9 -4.47 -10.96 3.93
N GLN A 10 -3.53 -11.47 4.72
CA GLN A 10 -2.65 -10.64 5.51
C GLN A 10 -1.29 -10.32 4.90
N SER A 11 -0.92 -11.03 3.82
CA SER A 11 0.37 -10.81 3.15
C SER A 11 0.32 -10.99 1.63
N PHE A 12 0.88 -10.03 0.90
CA PHE A 12 0.94 -10.12 -0.56
C PHE A 12 2.39 -10.09 -1.11
N SER A 13 3.39 -10.37 -0.27
CA SER A 13 4.81 -10.36 -0.66
C SER A 13 5.12 -11.45 -1.64
N THR A 14 4.33 -12.52 -1.60
CA THR A 14 4.50 -13.66 -2.49
C THR A 14 3.65 -13.41 -3.74
N ASP A 15 2.97 -12.28 -3.77
CA ASP A 15 2.08 -11.99 -4.88
C ASP A 15 2.61 -11.04 -5.93
N VAL A 16 1.86 -10.98 -7.01
CA VAL A 16 2.13 -10.12 -8.14
C VAL A 16 0.77 -9.50 -8.44
N ILE A 17 0.62 -8.21 -8.16
CA ILE A 17 -0.64 -7.53 -8.39
C ILE A 17 -0.78 -6.95 -9.78
N TYR A 18 -1.92 -7.20 -10.41
CA TYR A 18 -2.17 -6.67 -11.74
C TYR A 18 -3.13 -5.48 -11.57
N GLN A 19 -2.58 -4.26 -11.54
CA GLN A 19 -3.40 -3.06 -11.38
C GLN A 19 -4.17 -2.73 -12.62
N VAL A 20 -5.49 -2.75 -12.50
CA VAL A 20 -6.37 -2.49 -13.62
C VAL A 20 -7.47 -1.46 -13.34
N PHE A 21 -7.65 -0.61 -14.36
CA PHE A 21 -8.63 0.45 -14.46
C PHE A 21 -9.81 -0.31 -15.10
N THR A 22 -10.66 -0.91 -14.26
CA THR A 22 -11.82 -1.68 -14.73
C THR A 22 -12.47 -1.28 -16.06
N ASP A 23 -12.85 0.00 -16.18
CA ASP A 23 -13.52 0.49 -17.38
C ASP A 23 -12.72 0.36 -18.64
N ARG A 24 -11.40 0.32 -18.52
CA ARG A 24 -10.50 0.23 -19.66
C ARG A 24 -9.86 -1.12 -19.98
N PHE A 25 -10.49 -2.22 -19.58
CA PHE A 25 -9.91 -3.54 -19.83
C PHE A 25 -10.71 -4.38 -20.84
N LEU A 26 -11.90 -4.83 -20.41
CA LEU A 26 -12.76 -5.67 -21.22
C LEU A 26 -14.23 -5.56 -20.85
N ASP A 27 -15.03 -5.09 -21.81
CA ASP A 27 -16.49 -4.94 -21.65
C ASP A 27 -17.25 -6.28 -21.80
N GLY A 28 -17.21 -7.09 -20.75
CA GLY A 28 -17.92 -8.36 -20.75
C GLY A 28 -19.43 -8.21 -20.86
N ASN A 29 -19.95 -7.11 -20.34
CA ASN A 29 -21.37 -6.88 -20.41
C ASN A 29 -21.69 -5.48 -20.92
N PRO A 30 -22.30 -5.42 -22.12
CA PRO A 30 -22.72 -4.21 -22.84
C PRO A 30 -24.03 -3.62 -22.28
N SER A 31 -24.82 -4.49 -21.65
CA SER A 31 -26.10 -4.14 -21.05
C SER A 31 -25.93 -3.13 -19.91
N ASN A 32 -24.73 -3.09 -19.36
CA ASN A 32 -24.45 -2.18 -18.28
C ASN A 32 -23.65 -0.97 -18.74
N ASN A 33 -23.55 -0.74 -20.04
CA ASN A 33 -22.80 0.41 -20.51
C ASN A 33 -23.64 1.66 -20.38
N PRO A 34 -22.99 2.81 -20.17
CA PRO A 34 -23.65 4.10 -20.03
C PRO A 34 -24.38 4.44 -21.29
N THR A 35 -25.44 5.23 -21.15
CA THR A 35 -26.22 5.66 -22.28
C THR A 35 -25.77 7.09 -22.60
N GLY A 36 -25.87 7.47 -23.86
CA GLY A 36 -25.52 8.83 -24.26
C GLY A 36 -24.07 9.31 -24.26
N ALA A 37 -23.91 10.59 -23.97
CA ALA A 37 -22.61 11.25 -23.97
C ALA A 37 -21.70 10.94 -22.81
N ALA A 38 -21.91 9.80 -22.18
CA ALA A 38 -21.03 9.39 -21.11
C ALA A 38 -20.34 8.15 -21.65
N TYR A 39 -20.82 7.68 -22.80
CA TYR A 39 -20.32 6.46 -23.41
C TYR A 39 -19.63 6.56 -24.77
N ASP A 40 -18.50 5.87 -24.89
CA ASP A 40 -17.77 5.87 -26.14
C ASP A 40 -17.42 4.45 -26.53
N ALA A 41 -18.15 3.93 -27.52
CA ALA A 41 -17.95 2.57 -27.99
C ALA A 41 -16.51 2.27 -28.43
N THR A 42 -15.93 3.19 -29.19
CA THR A 42 -14.55 3.08 -29.68
C THR A 42 -13.54 3.36 -28.57
N CYS A 43 -13.97 4.08 -27.53
CA CYS A 43 -13.14 4.47 -26.41
C CYS A 43 -12.01 5.36 -26.90
N SER A 44 -12.24 5.97 -28.04
CA SER A 44 -11.27 6.89 -28.63
C SER A 44 -11.06 8.08 -27.67
N ASN A 45 -12.14 8.44 -26.98
CA ASN A 45 -12.15 9.51 -26.00
C ASN A 45 -12.05 8.84 -24.63
N LEU A 46 -10.94 9.13 -23.95
CA LEU A 46 -10.67 8.54 -22.66
C LEU A 46 -11.36 9.17 -21.46
N LYS A 47 -11.90 10.39 -21.60
CA LYS A 47 -12.59 11.04 -20.49
C LYS A 47 -13.94 10.38 -20.36
N LEU A 48 -14.27 9.54 -21.34
CA LEU A 48 -15.54 8.83 -21.36
C LEU A 48 -15.47 7.36 -20.91
N TYR A 49 -16.64 6.78 -20.77
CA TYR A 49 -16.76 5.38 -20.35
C TYR A 49 -16.59 4.52 -21.60
N CYS A 50 -15.81 3.48 -21.48
CA CYS A 50 -15.60 2.64 -22.62
C CYS A 50 -16.41 1.35 -22.57
N GLY A 51 -16.94 1.03 -21.39
CA GLY A 51 -17.77 -0.16 -21.25
C GLY A 51 -17.32 -1.23 -20.27
N GLY A 52 -16.04 -1.26 -19.93
CA GLY A 52 -15.48 -2.27 -19.02
C GLY A 52 -16.25 -2.56 -17.76
N ASP A 53 -16.24 -3.84 -17.37
CA ASP A 53 -16.99 -4.29 -16.18
C ASP A 53 -16.39 -5.54 -15.56
N TRP A 54 -17.06 -6.03 -14.52
CA TRP A 54 -16.60 -7.19 -13.78
C TRP A 54 -16.72 -8.49 -14.54
N GLN A 55 -17.76 -8.64 -15.33
CA GLN A 55 -17.91 -9.85 -16.17
C GLN A 55 -16.66 -10.02 -17.03
N GLY A 56 -16.25 -8.92 -17.65
CA GLY A 56 -15.07 -8.93 -18.51
C GLY A 56 -13.84 -9.46 -17.82
N LEU A 57 -13.67 -9.10 -16.57
CA LEU A 57 -12.52 -9.58 -15.81
C LEU A 57 -12.76 -11.08 -15.57
N ILE A 58 -13.99 -11.43 -15.24
CA ILE A 58 -14.36 -12.82 -14.99
C ILE A 58 -13.94 -13.60 -16.20
N ASN A 59 -14.20 -13.01 -17.36
CA ASN A 59 -13.88 -13.61 -18.63
C ASN A 59 -12.40 -13.89 -18.77
N LYS A 60 -11.57 -12.85 -18.66
CA LYS A 60 -10.13 -13.02 -18.78
C LYS A 60 -9.57 -13.93 -17.69
N ILE A 61 -10.35 -14.16 -16.65
CA ILE A 61 -9.91 -15.03 -15.56
C ILE A 61 -10.17 -16.45 -15.98
N ASN A 62 -11.25 -16.67 -16.72
CA ASN A 62 -11.60 -18.02 -17.12
C ASN A 62 -10.79 -18.58 -18.28
N ASP A 63 -10.45 -17.72 -19.25
CA ASP A 63 -9.65 -18.14 -20.37
C ASP A 63 -8.17 -18.07 -20.03
N ASN A 64 -7.87 -18.10 -18.73
CA ASN A 64 -6.53 -18.08 -18.20
C ASN A 64 -5.55 -16.98 -18.64
N TYR A 65 -6.05 -15.83 -19.08
CA TYR A 65 -5.13 -14.77 -19.47
C TYR A 65 -4.24 -14.42 -18.28
N PHE A 66 -4.85 -14.16 -17.13
CA PHE A 66 -4.09 -13.82 -15.93
C PHE A 66 -3.23 -14.98 -15.38
N SER A 67 -3.75 -16.20 -15.47
CA SER A 67 -3.03 -17.38 -14.96
C SER A 67 -1.81 -17.73 -15.83
N ASP A 68 -1.89 -17.41 -17.12
CA ASP A 68 -0.79 -17.66 -18.04
C ASP A 68 0.23 -16.55 -17.83
N LEU A 69 -0.22 -15.41 -17.31
CA LEU A 69 0.67 -14.30 -17.05
C LEU A 69 1.22 -14.43 -15.64
N GLY A 70 0.62 -15.32 -14.84
CA GLY A 70 1.08 -15.54 -13.48
C GLY A 70 0.83 -14.50 -12.41
N VAL A 71 -0.12 -13.59 -12.63
CA VAL A 71 -0.40 -12.57 -11.62
C VAL A 71 -1.32 -13.19 -10.59
N THR A 72 -0.96 -13.06 -9.32
CA THR A 72 -1.74 -13.64 -8.23
C THR A 72 -2.74 -12.77 -7.47
N ALA A 73 -3.06 -11.59 -8.01
CA ALA A 73 -3.99 -10.66 -7.38
C ALA A 73 -4.37 -9.58 -8.36
N LEU A 74 -5.63 -9.19 -8.34
CA LEU A 74 -6.17 -8.15 -9.20
C LEU A 74 -6.51 -6.90 -8.36
N TRP A 75 -6.01 -5.75 -8.77
CA TRP A 75 -6.25 -4.51 -8.07
C TRP A 75 -7.18 -3.76 -9.03
N ILE A 76 -8.46 -3.66 -8.64
CA ILE A 76 -9.49 -3.00 -9.44
C ILE A 76 -9.89 -1.61 -8.91
N SER A 77 -10.58 -0.84 -9.74
CA SER A 77 -11.05 0.49 -9.36
C SER A 77 -12.14 0.33 -8.25
N GLN A 78 -12.35 1.38 -7.46
CA GLN A 78 -13.32 1.43 -6.37
C GLN A 78 -14.68 0.99 -6.88
N PRO A 79 -15.24 -0.10 -6.29
CA PRO A 79 -16.51 -0.72 -6.63
C PRO A 79 -17.77 0.06 -6.28
N VAL A 80 -17.66 0.97 -5.30
CA VAL A 80 -18.77 1.79 -4.84
C VAL A 80 -19.44 2.72 -5.87
N GLU A 81 -20.75 2.86 -5.74
CA GLU A 81 -21.57 3.71 -6.63
C GLU A 81 -21.07 5.19 -6.75
N ASN A 82 -20.68 5.57 -7.98
CA ASN A 82 -20.19 6.93 -8.27
C ASN A 82 -21.32 7.84 -8.78
N ILE A 83 -21.04 9.16 -8.85
CA ILE A 83 -22.06 10.11 -9.34
C ILE A 83 -22.43 9.74 -10.76
N PHE A 84 -23.72 9.84 -11.05
CA PHE A 84 -24.26 9.51 -12.35
C PHE A 84 -24.11 10.65 -13.36
N ALA A 85 -24.08 11.87 -12.85
CA ALA A 85 -23.96 13.08 -13.67
C ALA A 85 -22.66 13.13 -14.42
N THR A 86 -22.64 14.00 -15.43
CA THR A 86 -21.50 14.22 -16.27
C THR A 86 -21.02 15.61 -15.93
N ILE A 87 -19.73 15.86 -16.04
CA ILE A 87 -19.17 17.17 -15.73
C ILE A 87 -18.25 17.64 -16.85
N ASN A 88 -18.56 18.78 -17.43
CA ASN A 88 -17.74 19.36 -18.49
C ASN A 88 -16.80 20.32 -17.75
N TYR A 89 -15.50 20.21 -18.01
CA TYR A 89 -14.49 21.12 -17.43
C TYR A 89 -13.99 21.95 -18.60
N SER A 90 -14.56 23.14 -18.75
CA SER A 90 -14.22 24.07 -19.82
C SER A 90 -14.10 23.42 -21.22
N GLY A 91 -15.28 23.07 -21.75
CA GLY A 91 -15.38 22.47 -23.06
C GLY A 91 -15.34 20.98 -23.09
N VAL A 92 -14.83 20.38 -22.02
CA VAL A 92 -14.71 18.92 -22.04
C VAL A 92 -15.48 18.10 -20.98
N THR A 93 -16.41 17.30 -21.48
CA THR A 93 -17.26 16.41 -20.69
C THR A 93 -16.41 15.32 -20.06
N ASN A 94 -16.56 15.18 -18.75
CA ASN A 94 -15.82 14.20 -17.95
C ASN A 94 -16.82 13.25 -17.30
N THR A 95 -16.36 12.05 -16.98
CA THR A 95 -17.23 11.08 -16.37
C THR A 95 -16.51 10.50 -15.15
N ALA A 96 -17.23 9.70 -14.35
CA ALA A 96 -16.62 9.10 -13.19
C ALA A 96 -16.17 7.68 -13.50
N TYR A 97 -15.59 7.49 -14.68
CA TYR A 97 -15.08 6.18 -15.12
C TYR A 97 -14.04 5.63 -14.15
N HIS A 98 -13.18 6.51 -13.63
CA HIS A 98 -12.13 6.12 -12.70
C HIS A 98 -12.66 5.54 -11.40
N GLY A 99 -13.87 5.96 -11.03
CA GLY A 99 -14.51 5.47 -9.82
C GLY A 99 -14.20 6.35 -8.62
N TYR A 100 -13.43 7.42 -8.83
CA TYR A 100 -13.06 8.35 -7.74
C TYR A 100 -14.15 9.30 -7.22
N TRP A 101 -15.22 9.50 -7.99
CA TRP A 101 -16.28 10.41 -7.58
C TRP A 101 -17.46 9.68 -7.00
N ALA A 102 -17.27 9.09 -5.83
CA ALA A 102 -18.30 8.32 -5.15
C ALA A 102 -19.48 9.15 -4.62
N ARG A 103 -20.61 8.48 -4.44
CA ARG A 103 -21.78 9.12 -3.87
C ARG A 103 -22.39 8.14 -2.91
N ASP A 104 -22.13 6.86 -3.12
CA ASP A 104 -22.65 5.83 -2.21
C ASP A 104 -21.63 4.68 -2.12
N PHE A 105 -21.04 4.48 -0.94
CA PHE A 105 -20.05 3.44 -0.73
C PHE A 105 -20.71 2.10 -0.35
N LYS A 106 -22.03 2.07 -0.35
CA LYS A 106 -22.71 0.85 0.01
C LYS A 106 -23.52 0.22 -1.11
N LYS A 107 -23.37 0.76 -2.32
CA LYS A 107 -24.01 0.25 -3.53
C LYS A 107 -22.88 0.06 -4.54
N THR A 108 -23.09 -0.75 -5.56
CA THR A 108 -22.03 -0.93 -6.56
C THR A 108 -22.27 -0.05 -7.77
N ASN A 109 -21.18 0.28 -8.45
CA ASN A 109 -21.20 1.07 -9.68
C ASN A 109 -21.86 0.13 -10.70
N PRO A 110 -23.06 0.49 -11.17
CA PRO A 110 -23.80 -0.33 -12.13
C PRO A 110 -23.05 -0.53 -13.45
N TYR A 111 -22.26 0.45 -13.84
CA TYR A 111 -21.49 0.33 -15.07
C TYR A 111 -20.43 -0.79 -15.03
N PHE A 112 -20.12 -1.23 -13.79
CA PHE A 112 -19.18 -2.29 -13.49
C PHE A 112 -19.93 -3.58 -13.14
N GLY A 113 -21.21 -3.45 -12.79
CA GLY A 113 -22.02 -4.62 -12.46
C GLY A 113 -22.77 -4.59 -11.14
N THR A 114 -23.42 -5.70 -10.83
CA THR A 114 -24.18 -5.80 -9.59
C THR A 114 -23.45 -6.40 -8.41
N MET A 115 -24.19 -6.54 -7.32
CA MET A 115 -23.71 -7.12 -6.08
C MET A 115 -23.46 -8.58 -6.30
N ALA A 116 -24.34 -9.20 -7.08
CA ALA A 116 -24.17 -10.61 -7.42
C ALA A 116 -22.92 -10.70 -8.28
N ASP A 117 -22.82 -9.83 -9.28
CA ASP A 117 -21.66 -9.77 -10.18
C ASP A 117 -20.38 -9.68 -9.37
N PHE A 118 -20.34 -8.74 -8.44
CA PHE A 118 -19.17 -8.58 -7.62
C PHE A 118 -18.87 -9.86 -6.87
N GLN A 119 -19.88 -10.36 -6.18
CA GLN A 119 -19.75 -11.59 -5.42
C GLN A 119 -19.40 -12.73 -6.39
N ASN A 120 -19.75 -12.50 -7.64
CA ASN A 120 -19.50 -13.47 -8.69
C ASN A 120 -18.04 -13.37 -9.19
N LEU A 121 -17.44 -12.20 -8.99
CA LEU A 121 -16.07 -11.91 -9.41
C LEU A 121 -15.10 -12.43 -8.32
N ILE A 122 -15.48 -12.18 -7.07
CA ILE A 122 -14.72 -12.59 -5.89
C ILE A 122 -14.58 -14.10 -5.83
N THR A 123 -15.62 -14.79 -6.30
CA THR A 123 -15.67 -16.24 -6.33
C THR A 123 -14.75 -16.80 -7.42
N THR A 124 -14.96 -16.36 -8.66
CA THR A 124 -14.13 -16.81 -9.76
C THR A 124 -12.62 -16.57 -9.50
N ALA A 125 -12.29 -15.44 -8.89
CA ALA A 125 -10.90 -15.11 -8.61
C ALA A 125 -10.26 -16.05 -7.60
N HIS A 126 -10.95 -16.34 -6.50
CA HIS A 126 -10.38 -17.23 -5.48
C HIS A 126 -10.37 -18.64 -6.01
N ALA A 127 -11.32 -18.91 -6.90
CA ALA A 127 -11.40 -20.21 -7.52
C ALA A 127 -10.08 -20.53 -8.20
N LYS A 128 -9.38 -19.49 -8.68
CA LYS A 128 -8.09 -19.67 -9.35
C LYS A 128 -6.87 -19.09 -8.63
N GLY A 129 -7.04 -18.75 -7.36
CA GLY A 129 -5.93 -18.21 -6.61
C GLY A 129 -5.57 -16.77 -6.88
N ILE A 130 -6.47 -16.05 -7.50
CA ILE A 130 -6.26 -14.63 -7.78
C ILE A 130 -6.93 -13.90 -6.64
N LYS A 131 -6.16 -13.05 -5.97
CA LYS A 131 -6.73 -12.30 -4.88
C LYS A 131 -7.36 -11.07 -5.52
N ILE A 132 -8.25 -10.41 -4.79
CA ILE A 132 -8.93 -9.22 -5.22
C ILE A 132 -8.66 -8.13 -4.20
N VAL A 133 -8.00 -7.08 -4.69
CA VAL A 133 -7.66 -5.89 -3.96
C VAL A 133 -8.52 -4.78 -4.59
N ILE A 134 -9.07 -3.87 -3.77
CA ILE A 134 -9.91 -2.78 -4.30
C ILE A 134 -9.45 -1.43 -3.79
N ASP A 135 -9.88 -0.38 -4.49
CA ASP A 135 -9.56 0.99 -4.13
C ASP A 135 -10.66 1.43 -3.23
N PHE A 136 -10.32 2.35 -2.34
CA PHE A 136 -11.29 2.91 -1.44
C PHE A 136 -10.75 4.25 -1.03
N ALA A 137 -11.33 5.31 -1.54
CA ALA A 137 -10.88 6.64 -1.20
C ALA A 137 -11.84 7.36 -0.21
N PRO A 138 -11.68 7.14 1.12
CA PRO A 138 -12.58 7.79 2.10
C PRO A 138 -12.35 9.30 2.33
N ASN A 139 -11.51 9.92 1.51
CA ASN A 139 -11.22 11.33 1.66
C ASN A 139 -12.33 12.27 1.27
N HIS A 140 -13.02 11.96 0.17
CA HIS A 140 -14.06 12.84 -0.37
C HIS A 140 -15.14 12.12 -1.16
N THR A 141 -16.06 12.91 -1.71
CA THR A 141 -17.15 12.43 -2.55
C THR A 141 -16.88 12.71 -4.03
N SER A 142 -17.61 13.67 -4.62
CA SER A 142 -17.45 14.04 -6.03
C SER A 142 -17.12 15.50 -6.09
N PRO A 143 -16.94 16.10 -7.31
CA PRO A 143 -16.63 17.53 -7.35
C PRO A 143 -17.91 18.28 -6.95
N ALA A 144 -17.76 19.34 -6.17
CA ALA A 144 -18.90 20.15 -5.73
C ALA A 144 -18.60 21.64 -5.55
N MET A 145 -19.49 22.44 -6.11
CA MET A 145 -19.45 23.89 -6.03
C MET A 145 -20.46 24.15 -4.94
N GLU A 146 -20.10 24.96 -3.94
CA GLU A 146 -21.05 25.22 -2.87
C GLU A 146 -22.07 26.28 -3.27
N THR A 147 -21.61 27.34 -3.92
CA THR A 147 -22.50 28.40 -4.37
C THR A 147 -23.50 27.82 -5.37
N ASP A 148 -23.01 26.84 -6.13
CA ASP A 148 -23.83 26.22 -7.12
C ASP A 148 -24.14 24.74 -6.92
N THR A 149 -25.42 24.49 -6.69
CA THR A 149 -25.93 23.14 -6.46
C THR A 149 -26.16 22.39 -7.79
N SER A 150 -26.26 23.16 -8.87
CA SER A 150 -26.53 22.57 -10.18
C SER A 150 -25.30 22.01 -10.84
N PHE A 151 -24.17 22.15 -10.15
CA PHE A 151 -22.89 21.65 -10.61
C PHE A 151 -22.73 20.22 -10.09
N ALA A 152 -22.52 19.25 -10.99
CA ALA A 152 -22.37 17.83 -10.65
C ALA A 152 -23.54 17.43 -9.76
N GLU A 153 -23.28 16.64 -8.71
CA GLU A 153 -24.36 16.26 -7.82
C GLU A 153 -24.18 16.89 -6.44
N ASN A 154 -23.58 18.08 -6.46
CA ASN A 154 -23.30 18.84 -5.24
C ASN A 154 -22.69 17.90 -4.22
N GLY A 155 -21.83 17.00 -4.68
CA GLY A 155 -21.15 16.04 -3.80
C GLY A 155 -22.01 15.20 -2.85
N ARG A 156 -23.33 15.27 -3.01
CA ARG A 156 -24.27 14.50 -2.19
C ARG A 156 -23.79 13.08 -1.91
N LEU A 157 -23.82 12.74 -0.63
CA LEU A 157 -23.41 11.44 -0.18
C LEU A 157 -24.62 10.65 0.29
N TYR A 158 -24.80 9.46 -0.24
CA TYR A 158 -25.89 8.63 0.20
C TYR A 158 -25.37 7.64 1.21
N ASP A 159 -26.26 6.77 1.63
CA ASP A 159 -25.95 5.73 2.57
C ASP A 159 -26.94 4.69 2.14
N ASN A 160 -26.47 3.72 1.34
CA ASN A 160 -27.29 2.65 0.78
C ASN A 160 -28.70 3.08 0.39
N GLY A 161 -28.75 4.10 -0.46
CA GLY A 161 -30.03 4.60 -0.92
C GLY A 161 -30.43 5.91 -0.27
N THR A 162 -30.38 5.95 1.06
CA THR A 162 -30.75 7.14 1.79
C THR A 162 -29.66 8.22 1.75
N LEU A 163 -30.06 9.44 1.38
CA LEU A 163 -29.11 10.55 1.31
C LEU A 163 -28.78 11.12 2.68
N VAL A 164 -27.50 11.30 2.93
CA VAL A 164 -27.01 11.89 4.15
C VAL A 164 -26.89 13.42 3.99
N GLY A 165 -26.24 13.89 2.92
CA GLY A 165 -26.08 15.33 2.72
C GLY A 165 -25.15 15.79 1.60
N GLY A 166 -25.41 16.98 1.08
CA GLY A 166 -24.61 17.51 0.00
C GLY A 166 -23.66 18.59 0.52
N TYR A 167 -22.86 19.16 -0.39
CA TYR A 167 -21.87 20.18 -0.04
C TYR A 167 -22.51 21.46 0.39
N THR A 168 -23.51 21.91 -0.32
CA THR A 168 -24.19 23.15 0.07
C THR A 168 -25.24 22.77 1.16
N ASN A 169 -25.53 23.73 2.03
CA ASN A 169 -26.48 23.50 3.11
C ASN A 169 -26.12 22.26 3.91
N ASP A 170 -24.83 22.13 4.22
CA ASP A 170 -24.33 21.02 5.02
C ASP A 170 -24.31 21.56 6.44
N THR A 171 -25.49 21.66 7.03
CA THR A 171 -25.64 22.19 8.38
C THR A 171 -24.89 21.41 9.45
N ASN A 172 -24.84 20.08 9.28
CA ASN A 172 -24.22 19.15 10.23
C ASN A 172 -22.71 19.09 10.18
N GLY A 173 -22.12 19.67 9.15
CA GLY A 173 -20.67 19.66 9.05
C GLY A 173 -20.01 18.36 8.62
N TYR A 174 -20.61 17.66 7.66
CA TYR A 174 -20.03 16.43 7.14
C TYR A 174 -18.77 16.76 6.35
N PHE A 175 -18.85 17.74 5.48
CA PHE A 175 -17.71 18.09 4.69
C PHE A 175 -17.00 19.23 5.34
N HIS A 176 -15.83 19.53 4.83
CA HIS A 176 -15.04 20.63 5.32
C HIS A 176 -15.44 21.71 4.37
N HIS A 177 -15.44 22.93 4.84
CA HIS A 177 -15.77 24.07 4.01
C HIS A 177 -14.66 25.13 4.19
N ASN A 178 -13.42 24.71 4.05
CA ASN A 178 -12.28 25.61 4.23
C ASN A 178 -11.70 26.11 2.89
N GLY A 179 -12.37 25.76 1.81
CA GLY A 179 -11.86 26.14 0.51
C GLY A 179 -10.94 25.03 -0.01
N GLY A 180 -10.00 25.40 -0.88
CA GLY A 180 -9.12 24.40 -1.44
C GLY A 180 -7.69 24.39 -0.98
N SER A 181 -7.04 23.26 -1.16
CA SER A 181 -5.67 23.17 -0.75
C SER A 181 -4.74 23.84 -1.75
N ASP A 182 -4.02 24.86 -1.30
CA ASP A 182 -3.06 25.45 -2.21
C ASP A 182 -1.75 24.64 -2.11
N PHE A 183 -1.81 23.55 -1.34
CA PHE A 183 -0.70 22.63 -1.20
C PHE A 183 0.58 23.14 -0.55
N SER A 184 0.49 24.25 0.17
CA SER A 184 1.67 24.80 0.81
C SER A 184 2.13 24.02 2.04
N SER A 185 1.17 23.47 2.80
CA SER A 185 1.46 22.69 4.02
C SER A 185 0.77 21.32 4.01
N LEU A 186 1.08 20.47 5.00
CA LEU A 186 0.48 19.13 5.15
C LEU A 186 -0.96 19.29 5.66
N GLU A 187 -1.13 20.30 6.50
CA GLU A 187 -2.39 20.68 7.09
C GLU A 187 -3.30 21.25 6.01
N ASN A 188 -2.77 22.20 5.22
CA ASN A 188 -3.50 22.82 4.12
C ASN A 188 -4.02 21.69 3.21
N GLY A 189 -3.20 20.68 3.00
CA GLY A 189 -3.63 19.57 2.15
C GLY A 189 -4.66 18.66 2.76
N ILE A 190 -4.48 18.34 4.04
CA ILE A 190 -5.41 17.44 4.73
C ILE A 190 -6.82 17.99 4.87
N TYR A 191 -6.89 19.16 5.55
CA TYR A 191 -8.12 19.87 5.88
C TYR A 191 -8.81 20.73 4.85
N LYS A 192 -8.26 20.78 3.65
CA LYS A 192 -8.90 21.54 2.61
C LYS A 192 -9.17 20.71 1.36
N ASN A 193 -10.20 21.12 0.63
CA ASN A 193 -10.63 20.49 -0.59
C ASN A 193 -9.46 20.27 -1.53
N LEU A 194 -9.41 19.06 -2.08
CA LEU A 194 -8.43 18.64 -3.07
C LEU A 194 -9.06 19.06 -4.38
N TYR A 195 -8.52 20.10 -4.99
CA TYR A 195 -9.05 20.63 -6.24
C TYR A 195 -10.43 21.23 -6.00
N ASP A 196 -11.47 20.42 -6.16
CA ASP A 196 -12.87 20.87 -5.98
C ASP A 196 -13.62 19.74 -5.30
N LEU A 197 -12.87 18.68 -5.01
CA LEU A 197 -13.42 17.52 -4.38
C LEU A 197 -13.97 17.77 -3.00
N ALA A 198 -15.25 17.49 -2.81
CA ALA A 198 -15.90 17.66 -1.50
C ALA A 198 -15.17 16.93 -0.36
N ASP A 199 -14.50 17.69 0.50
CA ASP A 199 -13.73 17.12 1.60
C ASP A 199 -14.57 16.65 2.78
N PHE A 200 -14.42 15.40 3.21
CA PHE A 200 -15.20 14.96 4.36
C PHE A 200 -14.56 15.50 5.64
N ASN A 201 -15.35 15.52 6.70
CA ASN A 201 -14.93 15.97 8.02
C ASN A 201 -15.09 14.71 8.88
N HIS A 202 -14.01 13.95 8.94
CA HIS A 202 -14.01 12.68 9.66
C HIS A 202 -14.15 12.87 11.17
N ASN A 203 -14.03 14.11 11.63
CA ASN A 203 -14.23 14.37 13.05
C ASN A 203 -15.72 14.21 13.35
N ASN A 204 -16.52 14.34 12.31
CA ASN A 204 -17.94 14.19 12.44
C ASN A 204 -18.24 12.72 12.62
N ALA A 205 -18.86 12.36 13.73
CA ALA A 205 -19.18 10.97 14.05
C ALA A 205 -19.97 10.16 13.02
N THR A 206 -20.99 10.76 12.40
CA THR A 206 -21.76 10.02 11.40
C THR A 206 -20.86 9.61 10.21
N ILE A 207 -19.93 10.49 9.82
CA ILE A 207 -19.00 10.18 8.74
C ILE A 207 -17.99 9.12 9.23
N ASP A 208 -17.52 9.25 10.49
CA ASP A 208 -16.58 8.29 11.09
C ASP A 208 -17.22 6.91 11.03
N LYS A 209 -18.38 6.82 11.66
CA LYS A 209 -19.15 5.57 11.71
C LYS A 209 -19.47 5.01 10.29
N TYR A 210 -19.91 5.89 9.38
CA TYR A 210 -20.26 5.52 8.01
C TYR A 210 -19.16 4.68 7.37
N PHE A 211 -17.97 5.25 7.27
CA PHE A 211 -16.84 4.57 6.66
C PHE A 211 -16.43 3.25 7.32
N LYS A 212 -16.61 3.15 8.64
CA LYS A 212 -16.31 1.91 9.37
C LYS A 212 -17.27 0.85 8.83
N ASP A 213 -18.55 1.22 8.77
CA ASP A 213 -19.61 0.35 8.30
C ASP A 213 -19.43 0.00 6.84
N ALA A 214 -19.06 0.98 6.03
CA ALA A 214 -18.90 0.75 4.60
C ALA A 214 -17.79 -0.26 4.26
N ILE A 215 -16.61 -0.09 4.84
CA ILE A 215 -15.51 -1.00 4.53
C ILE A 215 -15.85 -2.40 5.02
N LYS A 216 -16.50 -2.44 6.19
CA LYS A 216 -16.90 -3.69 6.84
C LYS A 216 -17.71 -4.52 5.87
N LEU A 217 -18.54 -3.85 5.10
CA LEU A 217 -19.38 -4.49 4.11
C LEU A 217 -18.48 -5.18 3.09
N TRP A 218 -17.71 -4.39 2.33
CA TRP A 218 -16.80 -4.94 1.31
C TRP A 218 -15.85 -6.06 1.80
N LEU A 219 -15.37 -5.95 3.05
CA LEU A 219 -14.53 -6.95 3.64
C LEU A 219 -15.38 -8.17 3.84
N ASP A 220 -16.53 -8.01 4.51
CA ASP A 220 -17.48 -9.10 4.76
C ASP A 220 -17.76 -9.84 3.46
N MET A 221 -17.65 -9.16 2.32
CA MET A 221 -17.92 -9.75 1.02
C MET A 221 -16.81 -10.56 0.39
N GLY A 222 -15.56 -10.35 0.80
CA GLY A 222 -14.48 -11.13 0.25
C GLY A 222 -13.19 -10.43 -0.17
N VAL A 223 -13.13 -9.10 -0.09
CA VAL A 223 -11.90 -8.41 -0.50
C VAL A 223 -10.67 -8.84 0.31
N ASP A 224 -9.55 -9.01 -0.38
CA ASP A 224 -8.33 -9.46 0.27
C ASP A 224 -7.38 -8.33 0.58
N GLY A 225 -7.56 -7.22 -0.10
CA GLY A 225 -6.68 -6.09 0.14
C GLY A 225 -7.39 -4.83 -0.22
N ILE A 226 -7.01 -3.74 0.43
CA ILE A 226 -7.62 -2.44 0.20
C ILE A 226 -6.50 -1.47 -0.10
N ARG A 227 -6.70 -0.66 -1.12
CA ARG A 227 -5.77 0.37 -1.52
C ARG A 227 -6.49 1.69 -1.20
N VAL A 228 -5.97 2.39 -0.20
CA VAL A 228 -6.54 3.64 0.24
C VAL A 228 -5.91 4.76 -0.57
N ALA A 229 -6.75 5.66 -1.07
CA ALA A 229 -6.33 6.79 -1.90
C ALA A 229 -6.31 8.09 -1.15
N ALA A 230 -5.38 8.97 -1.55
CA ALA A 230 -5.21 10.29 -0.93
C ALA A 230 -4.97 10.29 0.58
N VAL A 231 -4.14 9.36 1.05
CA VAL A 231 -3.85 9.25 2.48
C VAL A 231 -3.07 10.45 3.05
N LYS A 232 -2.51 11.22 2.14
CA LYS A 232 -1.72 12.35 2.54
C LYS A 232 -2.64 13.50 2.86
N HIS A 233 -3.92 13.34 2.52
CA HIS A 233 -4.92 14.38 2.74
C HIS A 233 -6.03 14.02 3.69
N MET A 234 -5.73 13.19 4.68
CA MET A 234 -6.68 12.79 5.70
C MET A 234 -5.79 12.60 6.90
N PRO A 235 -6.28 12.94 8.08
CA PRO A 235 -5.48 12.80 9.30
C PRO A 235 -4.97 11.40 9.56
N LEU A 236 -3.73 11.28 10.02
CA LEU A 236 -3.17 9.97 10.34
C LEU A 236 -4.02 9.33 11.44
N GLY A 237 -4.24 10.07 12.53
CA GLY A 237 -5.04 9.60 13.63
C GLY A 237 -6.33 8.96 13.16
N TRP A 238 -7.08 9.60 12.29
CA TRP A 238 -8.33 9.01 11.82
C TRP A 238 -8.09 7.71 11.04
N GLN A 239 -7.07 7.70 10.20
CA GLN A 239 -6.82 6.50 9.41
C GLN A 239 -6.32 5.34 10.24
N LYS A 240 -5.44 5.62 11.18
CA LYS A 240 -4.88 4.59 12.04
C LYS A 240 -6.02 3.94 12.84
N SER A 241 -7.02 4.75 13.16
CA SER A 241 -8.21 4.32 13.92
C SER A 241 -9.08 3.48 12.98
N TRP A 242 -9.28 3.99 11.78
CA TRP A 242 -10.05 3.28 10.77
C TRP A 242 -9.40 1.91 10.63
N MET A 243 -8.07 1.91 10.59
CA MET A 243 -7.30 0.70 10.45
C MET A 243 -7.56 -0.30 11.55
N SER A 244 -7.32 0.12 12.80
CA SER A 244 -7.54 -0.77 13.94
C SER A 244 -8.96 -1.37 13.89
N SER A 245 -9.89 -0.65 13.28
CA SER A 245 -11.25 -1.11 13.14
C SER A 245 -11.30 -2.21 12.10
N ILE A 246 -10.48 -2.09 11.08
CA ILE A 246 -10.50 -3.05 10.04
C ILE A 246 -9.81 -4.32 10.50
N TYR A 247 -8.69 -4.18 11.18
CA TYR A 247 -7.93 -5.33 11.68
C TYR A 247 -8.67 -6.13 12.73
N ALA A 248 -9.70 -5.52 13.30
CA ALA A 248 -10.50 -6.18 14.31
C ALA A 248 -11.64 -6.96 13.67
N HIS A 249 -11.92 -6.67 12.40
CA HIS A 249 -12.98 -7.37 11.71
C HIS A 249 -12.49 -8.52 10.86
N LYS A 250 -11.71 -8.21 9.83
CA LYS A 250 -11.14 -9.21 8.93
C LYS A 250 -9.93 -8.51 8.42
N PRO A 251 -8.81 -8.65 9.13
CA PRO A 251 -7.54 -8.02 8.78
C PRO A 251 -7.11 -8.37 7.36
N VAL A 252 -7.06 -7.37 6.50
CA VAL A 252 -6.65 -7.59 5.13
C VAL A 252 -5.44 -6.70 4.85
N PHE A 253 -4.70 -7.02 3.79
CA PHE A 253 -3.53 -6.25 3.43
C PHE A 253 -3.94 -4.87 2.89
N THR A 254 -3.56 -3.80 3.58
CA THR A 254 -3.90 -2.45 3.13
C THR A 254 -2.68 -1.58 2.86
N PHE A 255 -2.76 -0.76 1.83
CA PHE A 255 -1.68 0.13 1.52
C PHE A 255 -2.28 1.40 1.02
N GLY A 256 -1.49 2.47 1.02
CA GLY A 256 -2.01 3.73 0.57
C GLY A 256 -1.15 4.47 -0.42
N GLU A 257 -1.70 5.57 -0.95
CA GLU A 257 -1.03 6.41 -1.91
C GLU A 257 -0.58 7.80 -1.42
N TRP A 258 0.70 7.93 -1.09
CA TRP A 258 1.30 9.19 -0.64
C TRP A 258 2.33 9.47 -1.70
N PHE A 259 2.03 10.41 -2.59
CA PHE A 259 2.91 10.75 -3.69
C PHE A 259 4.24 11.40 -3.31
N LEU A 260 5.30 10.93 -3.98
CA LEU A 260 6.64 11.44 -3.81
C LEU A 260 7.20 11.42 -5.22
N GLY A 261 8.04 12.38 -5.57
CA GLY A 261 8.55 12.43 -6.93
C GLY A 261 10.03 12.23 -7.08
N SER A 262 10.57 11.39 -6.22
CA SER A 262 11.99 11.11 -6.26
C SER A 262 12.26 9.94 -5.33
N ALA A 263 13.46 9.38 -5.44
CA ALA A 263 13.78 8.27 -4.59
C ALA A 263 14.10 8.80 -3.20
N ALA A 264 14.27 10.13 -3.07
CA ALA A 264 14.59 10.81 -1.81
C ALA A 264 13.54 10.64 -0.72
N SER A 265 14.05 10.47 0.51
CA SER A 265 13.25 10.29 1.71
C SER A 265 12.43 11.50 2.06
N ASP A 266 11.29 11.26 2.68
CA ASP A 266 10.45 12.33 3.13
C ASP A 266 9.99 11.84 4.47
N ALA A 267 10.40 12.51 5.53
CA ALA A 267 10.01 12.07 6.86
C ALA A 267 8.51 11.77 6.96
N ASP A 268 7.68 12.73 6.57
CA ASP A 268 6.24 12.57 6.65
C ASP A 268 5.76 11.28 6.05
N ASN A 269 6.35 10.93 4.90
CA ASN A 269 6.00 9.71 4.17
C ASN A 269 6.53 8.47 4.90
N THR A 270 7.71 8.57 5.48
CA THR A 270 8.31 7.48 6.22
C THR A 270 7.45 7.23 7.45
N ASP A 271 7.26 8.30 8.22
CA ASP A 271 6.45 8.36 9.44
C ASP A 271 5.14 7.70 9.19
N PHE A 272 4.45 8.18 8.16
CA PHE A 272 3.14 7.64 7.86
C PHE A 272 3.16 6.13 7.77
N ALA A 273 3.94 5.63 6.83
CA ALA A 273 4.11 4.21 6.60
C ALA A 273 4.36 3.48 7.91
N ASN A 274 5.16 4.10 8.78
CA ASN A 274 5.52 3.51 10.08
C ASN A 274 4.54 3.56 11.27
N LYS A 275 3.69 4.59 11.31
CA LYS A 275 2.75 4.78 12.41
C LYS A 275 1.25 4.62 12.11
N SER A 276 0.90 4.52 10.83
CA SER A 276 -0.49 4.40 10.38
C SER A 276 -1.11 2.99 10.44
N GLY A 277 -0.27 1.98 10.54
CA GLY A 277 -0.79 0.64 10.56
C GLY A 277 -1.04 0.12 9.14
N MET A 278 -0.61 0.88 8.13
CA MET A 278 -0.78 0.47 6.74
C MET A 278 0.53 0.83 6.05
N SER A 279 0.73 0.31 4.84
CA SER A 279 1.94 0.59 4.06
C SER A 279 1.68 1.63 2.96
N LEU A 280 2.68 1.82 2.11
CA LEU A 280 2.62 2.80 1.03
C LEU A 280 3.00 2.23 -0.33
N LEU A 281 2.82 3.03 -1.39
CA LEU A 281 3.19 2.62 -2.73
C LEU A 281 4.58 3.20 -2.82
N ASP A 282 5.58 2.33 -2.92
CA ASP A 282 6.97 2.71 -2.99
C ASP A 282 7.27 3.64 -4.19
N PHE A 283 7.01 4.94 -4.03
CA PHE A 283 7.28 5.94 -5.07
C PHE A 283 8.80 6.22 -5.21
N ARG A 284 9.57 5.98 -4.14
CA ARG A 284 11.01 6.16 -4.25
C ARG A 284 11.62 5.00 -5.09
N PHE A 285 11.16 3.77 -4.88
CA PHE A 285 11.66 2.62 -5.64
C PHE A 285 11.29 2.84 -7.09
N ASN A 286 10.07 3.33 -7.31
CA ASN A 286 9.61 3.60 -8.66
C ASN A 286 10.50 4.61 -9.37
N SER A 287 10.75 5.75 -8.71
CA SER A 287 11.61 6.77 -9.31
C SER A 287 12.99 6.18 -9.62
N ALA A 288 13.59 5.50 -8.65
CA ALA A 288 14.91 4.90 -8.86
C ALA A 288 14.89 4.09 -10.15
N VAL A 289 13.96 3.12 -10.20
CA VAL A 289 13.80 2.27 -11.36
C VAL A 289 13.80 3.11 -12.64
N ARG A 290 12.94 4.13 -12.70
CA ARG A 290 12.81 4.98 -13.89
C ARG A 290 13.97 5.87 -14.28
N ASN A 291 14.70 6.43 -13.35
CA ASN A 291 15.82 7.29 -13.74
C ASN A 291 16.79 6.39 -14.46
N VAL A 292 17.14 5.31 -13.78
CA VAL A 292 18.07 4.33 -14.30
C VAL A 292 17.72 3.73 -15.64
N PHE A 293 16.60 3.04 -15.70
CA PHE A 293 16.19 2.36 -16.90
C PHE A 293 15.44 3.14 -17.95
N ARG A 294 14.58 4.04 -17.52
CA ARG A 294 13.77 4.77 -18.49
C ARG A 294 14.36 6.08 -18.94
N ASP A 295 14.78 6.90 -17.99
CA ASP A 295 15.24 8.22 -18.35
C ASP A 295 16.71 8.41 -18.58
N ASN A 296 17.51 7.52 -18.05
CA ASN A 296 18.94 7.64 -18.23
C ASN A 296 19.39 8.91 -17.51
N THR A 297 18.83 9.14 -16.33
CA THR A 297 19.20 10.32 -15.58
C THR A 297 20.03 9.96 -14.37
N SER A 298 20.12 8.65 -14.08
CA SER A 298 20.92 8.12 -12.96
C SER A 298 21.54 6.79 -13.40
N ASN A 299 22.46 6.28 -12.58
CA ASN A 299 23.13 5.00 -12.85
C ASN A 299 22.83 3.94 -11.77
N MET A 300 23.44 2.76 -11.88
CA MET A 300 23.19 1.67 -10.93
C MET A 300 23.38 1.97 -9.45
N TYR A 301 24.30 2.88 -9.12
CA TYR A 301 24.53 3.25 -7.75
C TYR A 301 23.27 3.84 -7.13
N ALA A 302 22.61 4.71 -7.92
CA ALA A 302 21.40 5.37 -7.50
C ALA A 302 20.31 4.36 -7.16
N LEU A 303 20.39 3.21 -7.82
CA LEU A 303 19.42 2.17 -7.60
C LEU A 303 19.75 1.45 -6.29
N ASP A 304 21.03 1.11 -6.10
CA ASP A 304 21.54 0.41 -4.92
C ASP A 304 21.27 1.24 -3.68
N SER A 305 21.50 2.55 -3.78
CA SER A 305 21.28 3.45 -2.65
C SER A 305 19.78 3.44 -2.24
N MET A 306 18.91 3.68 -3.21
CA MET A 306 17.47 3.66 -2.96
C MET A 306 17.09 2.38 -2.24
N ILE A 307 17.71 1.27 -2.62
CA ILE A 307 17.45 -0.01 -2.00
C ILE A 307 17.73 0.00 -0.50
N ASN A 308 18.86 0.60 -0.15
CA ASN A 308 19.32 0.65 1.25
C ASN A 308 18.69 1.73 2.04
N SER A 309 18.68 2.92 1.45
CA SER A 309 18.09 4.07 2.11
C SER A 309 16.67 3.74 2.50
N THR A 310 15.92 3.07 1.61
CA THR A 310 14.54 2.74 1.91
C THR A 310 14.38 1.70 3.02
N ALA A 311 15.28 0.74 3.04
CA ALA A 311 15.25 -0.30 4.06
C ALA A 311 15.51 0.29 5.46
N THR A 312 16.18 1.43 5.52
CA THR A 312 16.48 2.07 6.79
C THR A 312 15.28 2.88 7.32
N ASP A 313 14.61 3.55 6.40
CA ASP A 313 13.48 4.38 6.75
C ASP A 313 12.24 3.59 7.09
N TYR A 314 11.89 2.69 6.22
CA TYR A 314 10.70 1.95 6.43
C TYR A 314 10.94 0.81 7.35
N ASN A 315 9.99 0.60 8.26
CA ASN A 315 10.08 -0.49 9.22
C ASN A 315 9.86 -1.84 8.53
N GLN A 316 8.83 -1.94 7.70
CA GLN A 316 8.54 -3.19 6.98
C GLN A 316 8.58 -2.90 5.48
N VAL A 317 9.81 -2.72 5.00
CA VAL A 317 10.08 -2.44 3.62
C VAL A 317 9.41 -3.44 2.66
N ASN A 318 9.16 -4.66 3.15
CA ASN A 318 8.51 -5.76 2.40
C ASN A 318 7.03 -5.55 2.10
N ASP A 319 6.46 -4.53 2.71
CA ASP A 319 5.06 -4.27 2.53
C ASP A 319 4.80 -3.12 1.55
N GLN A 320 5.86 -2.42 1.17
CA GLN A 320 5.74 -1.30 0.24
C GLN A 320 5.50 -1.83 -1.15
N VAL A 321 4.48 -1.28 -1.80
CA VAL A 321 4.14 -1.74 -3.14
C VAL A 321 4.93 -1.01 -4.23
N THR A 322 5.60 -1.79 -5.07
CA THR A 322 6.45 -1.30 -6.15
C THR A 322 5.84 -1.36 -7.54
N PHE A 323 6.44 -0.60 -8.45
CA PHE A 323 5.93 -0.54 -9.80
C PHE A 323 6.86 0.21 -10.75
N ILE A 324 6.61 0.10 -12.06
CA ILE A 324 7.42 0.83 -13.03
C ILE A 324 6.62 2.03 -13.51
N ASP A 325 5.31 1.83 -13.69
CA ASP A 325 4.45 2.97 -14.03
C ASP A 325 3.09 2.79 -13.36
N ASN A 326 2.21 3.76 -13.51
CA ASN A 326 0.86 3.63 -12.96
C ASN A 326 -0.01 4.79 -13.43
N HIS A 327 -1.25 4.84 -12.96
CA HIS A 327 -2.19 5.89 -13.33
C HIS A 327 -1.75 7.32 -12.95
N ASP A 328 -0.68 7.46 -12.18
CA ASP A 328 -0.17 8.78 -11.77
C ASP A 328 0.98 9.28 -12.63
N MET A 329 1.27 8.61 -13.74
CA MET A 329 2.40 9.04 -14.56
C MET A 329 2.43 8.51 -15.97
N ASP A 330 3.40 9.02 -16.71
CA ASP A 330 3.56 8.62 -18.08
C ASP A 330 3.90 7.13 -18.11
N ARG A 331 3.36 6.46 -19.12
CA ARG A 331 3.60 5.05 -19.35
C ARG A 331 5.10 4.99 -19.50
N PHE A 332 5.66 3.91 -18.97
CA PHE A 332 7.10 3.70 -18.96
C PHE A 332 7.54 3.68 -20.41
N LYS A 333 6.95 2.78 -21.17
CA LYS A 333 7.28 2.66 -22.58
C LYS A 333 6.93 3.96 -23.32
N THR A 334 7.83 4.38 -24.21
CA THR A 334 7.64 5.58 -25.00
C THR A 334 8.43 5.29 -26.29
N SER A 335 8.31 6.13 -27.32
CA SER A 335 9.05 5.89 -28.56
C SER A 335 10.57 5.90 -28.37
N ALA A 336 11.06 6.75 -27.47
CA ALA A 336 12.49 6.85 -27.15
C ALA A 336 12.97 5.72 -26.22
N VAL A 337 12.05 5.20 -25.40
CA VAL A 337 12.35 4.12 -24.47
C VAL A 337 12.18 2.80 -25.20
N ASN A 338 13.18 1.92 -25.12
CA ASN A 338 13.08 0.62 -25.77
C ASN A 338 12.71 -0.55 -24.84
N ASN A 339 12.12 -1.56 -25.47
CA ASN A 339 11.64 -2.75 -24.84
C ASN A 339 12.49 -3.45 -23.82
N ARG A 340 13.73 -3.75 -24.18
CA ARG A 340 14.58 -4.44 -23.26
C ARG A 340 14.59 -3.72 -21.91
N ARG A 341 14.55 -2.37 -21.94
CA ARG A 341 14.53 -1.54 -20.71
C ARG A 341 13.27 -1.73 -19.88
N LEU A 342 12.14 -1.83 -20.57
CA LEU A 342 10.82 -2.05 -19.99
C LEU A 342 10.87 -3.43 -19.34
N GLU A 343 11.41 -4.39 -20.09
CA GLU A 343 11.54 -5.79 -19.66
C GLU A 343 12.54 -5.90 -18.52
N GLN A 344 13.53 -5.02 -18.50
CA GLN A 344 14.55 -5.01 -17.46
C GLN A 344 13.96 -4.46 -16.14
N ALA A 345 13.18 -3.39 -16.25
CA ALA A 345 12.56 -2.77 -15.09
C ALA A 345 11.55 -3.71 -14.50
N LEU A 346 10.94 -4.53 -15.35
CA LEU A 346 9.97 -5.52 -14.92
C LEU A 346 10.69 -6.56 -14.09
N ALA A 347 11.67 -7.19 -14.73
CA ALA A 347 12.50 -8.24 -14.13
C ALA A 347 13.01 -7.79 -12.79
N PHE A 348 13.45 -6.54 -12.73
CA PHE A 348 13.95 -5.96 -11.48
C PHE A 348 12.83 -5.87 -10.42
N THR A 349 11.70 -5.31 -10.81
CA THR A 349 10.58 -5.16 -9.91
C THR A 349 10.15 -6.52 -9.41
N LEU A 350 9.85 -7.41 -10.35
CA LEU A 350 9.40 -8.75 -10.03
C LEU A 350 10.31 -9.52 -9.08
N THR A 351 11.61 -9.25 -9.05
CA THR A 351 12.49 -10.00 -8.14
C THR A 351 12.98 -9.25 -6.88
N SER A 352 12.70 -7.96 -6.82
CA SER A 352 13.10 -7.13 -5.69
C SER A 352 12.18 -7.27 -4.50
N ARG A 353 12.50 -6.61 -3.38
CA ARG A 353 11.66 -6.68 -2.19
C ARG A 353 10.39 -5.81 -2.26
N GLY A 354 9.37 -6.22 -1.51
CA GLY A 354 8.10 -5.52 -1.48
C GLY A 354 7.02 -6.24 -2.25
N VAL A 355 5.86 -5.63 -2.39
CA VAL A 355 4.82 -6.24 -3.16
C VAL A 355 4.83 -5.53 -4.50
N PRO A 356 5.05 -6.25 -5.59
CA PRO A 356 5.08 -5.61 -6.92
C PRO A 356 3.72 -5.55 -7.63
N ALA A 357 3.46 -4.48 -8.37
CA ALA A 357 2.22 -4.36 -9.10
C ALA A 357 2.56 -4.05 -10.55
N ILE A 358 1.69 -4.41 -11.48
CA ILE A 358 1.91 -4.17 -12.91
C ILE A 358 0.66 -3.53 -13.48
N TYR A 359 0.79 -2.28 -13.91
CA TYR A 359 -0.32 -1.56 -14.49
C TYR A 359 -0.73 -2.32 -15.75
N TYR A 360 -2.03 -2.63 -15.85
CA TYR A 360 -2.56 -3.37 -17.00
C TYR A 360 -2.12 -2.75 -18.33
N GLY A 361 -1.76 -3.61 -19.27
CA GLY A 361 -1.32 -3.16 -20.58
C GLY A 361 0.19 -3.15 -20.72
N THR A 362 0.91 -3.34 -19.62
CA THR A 362 2.38 -3.33 -19.70
C THR A 362 2.91 -4.49 -20.58
N GLU A 363 2.39 -5.69 -20.34
CA GLU A 363 2.74 -6.89 -21.09
C GLU A 363 2.56 -6.64 -22.59
N GLN A 364 1.58 -5.79 -22.93
CA GLN A 364 1.32 -5.45 -24.32
C GLN A 364 2.10 -4.22 -24.78
N TYR A 365 3.01 -3.75 -23.95
CA TYR A 365 3.85 -2.59 -24.25
C TYR A 365 3.04 -1.34 -24.59
N LEU A 366 1.96 -1.14 -23.84
CA LEU A 366 1.09 -0.01 -24.04
C LEU A 366 1.82 1.29 -23.70
N THR A 367 1.54 2.33 -24.47
CA THR A 367 2.13 3.64 -24.26
C THR A 367 0.99 4.64 -24.08
N GLY A 368 1.28 5.79 -23.49
CA GLY A 368 0.29 6.82 -23.25
C GLY A 368 0.73 7.78 -22.16
N ASN A 369 1.40 8.85 -22.56
CA ASN A 369 1.90 9.87 -21.62
C ASN A 369 0.81 10.82 -21.10
N GLY A 370 0.68 10.89 -19.77
CA GLY A 370 -0.29 11.77 -19.15
C GLY A 370 -1.71 11.22 -18.96
N ASP A 371 -2.54 12.03 -18.32
CA ASP A 371 -3.92 11.67 -18.04
C ASP A 371 -4.84 12.29 -19.11
N PRO A 372 -5.74 11.49 -19.69
CA PRO A 372 -5.97 10.08 -19.42
C PRO A 372 -5.23 9.12 -20.39
N ASP A 373 -4.24 9.64 -21.10
CA ASP A 373 -3.47 8.87 -22.07
C ASP A 373 -2.78 7.66 -21.41
N ASN A 374 -2.63 7.71 -20.10
CA ASN A 374 -2.02 6.58 -19.40
C ASN A 374 -3.14 5.68 -18.92
N ARG A 375 -4.34 5.90 -19.46
CA ARG A 375 -5.53 5.10 -19.14
C ARG A 375 -6.21 4.65 -20.44
N ALA A 376 -5.38 4.36 -21.43
CA ALA A 376 -5.84 3.90 -22.73
C ALA A 376 -6.52 2.54 -22.59
N LYS A 377 -7.33 2.17 -23.59
CA LYS A 377 -8.05 0.88 -23.56
C LYS A 377 -7.11 -0.28 -23.73
N MET A 378 -7.49 -1.43 -23.16
CA MET A 378 -6.68 -2.64 -23.29
C MET A 378 -6.64 -3.00 -24.80
N PRO A 379 -5.45 -2.89 -25.42
CA PRO A 379 -5.13 -3.16 -26.84
C PRO A 379 -5.03 -4.62 -27.37
N SER A 380 -4.77 -5.59 -26.51
CA SER A 380 -4.62 -6.99 -26.92
C SER A 380 -4.52 -7.96 -25.75
N PHE A 381 -4.73 -9.23 -26.05
CA PHE A 381 -4.66 -10.25 -25.03
C PHE A 381 -3.75 -11.37 -25.51
N SER A 382 -2.74 -11.00 -26.26
CA SER A 382 -1.79 -11.96 -26.78
C SER A 382 -0.81 -12.35 -25.68
N LYS A 383 -0.34 -13.57 -25.75
CA LYS A 383 0.59 -14.06 -24.76
C LYS A 383 1.94 -14.25 -25.45
N SER A 384 2.21 -13.44 -26.49
CA SER A 384 3.45 -13.53 -27.29
C SER A 384 4.55 -12.52 -27.00
N THR A 385 4.20 -11.40 -26.38
CA THR A 385 5.19 -10.36 -26.10
C THR A 385 6.35 -10.90 -25.26
N THR A 386 7.52 -10.25 -25.35
CA THR A 386 8.63 -10.69 -24.54
C THR A 386 8.37 -10.30 -23.10
N ALA A 387 7.67 -9.18 -22.93
CA ALA A 387 7.27 -8.67 -21.62
C ALA A 387 6.39 -9.70 -20.94
N PHE A 388 5.37 -10.17 -21.65
CA PHE A 388 4.46 -11.19 -21.14
C PHE A 388 5.27 -12.36 -20.63
N ASN A 389 6.18 -12.85 -21.48
CA ASN A 389 7.03 -13.99 -21.19
C ASN A 389 7.79 -13.86 -19.86
N VAL A 390 8.50 -12.73 -19.70
CA VAL A 390 9.29 -12.48 -18.51
C VAL A 390 8.50 -12.52 -17.22
N ILE A 391 7.25 -12.06 -17.26
CA ILE A 391 6.43 -12.07 -16.07
C ILE A 391 6.13 -13.51 -15.65
N SER A 392 5.66 -14.32 -16.60
CA SER A 392 5.29 -15.69 -16.28
C SER A 392 6.40 -16.54 -15.72
N LYS A 393 7.63 -16.21 -16.08
CA LYS A 393 8.79 -16.93 -15.59
C LYS A 393 9.23 -16.42 -14.21
N LEU A 394 9.21 -15.11 -14.03
CA LEU A 394 9.66 -14.50 -12.78
C LEU A 394 8.69 -14.34 -11.60
N ALA A 395 7.40 -14.28 -11.90
CA ALA A 395 6.37 -14.13 -10.87
C ALA A 395 6.25 -15.34 -9.94
N PRO A 396 6.07 -16.55 -10.51
CA PRO A 396 5.96 -17.72 -9.63
C PRO A 396 7.13 -17.88 -8.67
N LEU A 397 8.25 -17.24 -8.94
CA LEU A 397 9.39 -17.31 -8.03
C LEU A 397 9.02 -16.78 -6.67
N ARG A 398 8.15 -15.77 -6.65
CA ARG A 398 7.72 -15.13 -5.40
C ARG A 398 6.95 -16.08 -4.54
N LYS A 399 6.41 -17.10 -5.17
CA LYS A 399 5.64 -18.12 -4.47
C LYS A 399 6.55 -19.33 -4.18
N SER A 400 7.48 -19.65 -5.09
CA SER A 400 8.36 -20.79 -4.89
C SER A 400 9.67 -20.56 -4.15
N ASN A 401 10.33 -19.42 -4.38
CA ASN A 401 11.59 -19.07 -3.71
C ASN A 401 11.39 -17.92 -2.72
N PRO A 402 11.35 -18.25 -1.40
CA PRO A 402 11.17 -17.29 -0.31
C PRO A 402 12.27 -16.24 -0.12
N ALA A 403 13.32 -16.28 -0.92
CA ALA A 403 14.33 -15.25 -0.78
C ALA A 403 13.72 -14.03 -1.51
N ILE A 404 12.90 -14.29 -2.53
CA ILE A 404 12.24 -13.22 -3.27
C ILE A 404 11.14 -12.62 -2.37
N ALA A 405 10.33 -13.52 -1.83
CA ALA A 405 9.23 -13.17 -0.96
C ALA A 405 9.55 -12.41 0.32
N TYR A 406 10.54 -12.90 1.08
CA TYR A 406 10.93 -12.32 2.36
C TYR A 406 12.42 -12.01 2.54
N GLY A 407 13.22 -12.29 1.53
CA GLY A 407 14.64 -12.10 1.67
C GLY A 407 15.22 -10.71 1.60
N SER A 408 16.40 -10.57 2.24
CA SER A 408 17.16 -9.32 2.25
C SER A 408 17.79 -9.10 0.89
N THR A 409 18.34 -7.92 0.68
CA THR A 409 18.98 -7.63 -0.59
C THR A 409 20.35 -7.05 -0.33
N GLN A 410 21.38 -7.62 -0.98
CA GLN A 410 22.77 -7.17 -0.85
C GLN A 410 23.52 -7.30 -2.18
N GLN A 411 24.23 -6.23 -2.54
CA GLN A 411 24.99 -6.13 -3.80
C GLN A 411 26.32 -6.87 -3.85
N ARG A 412 26.46 -7.74 -4.84
CA ARG A 412 27.68 -8.52 -5.01
C ARG A 412 28.58 -7.82 -6.03
N TRP A 413 27.94 -7.17 -7.00
CA TRP A 413 28.69 -6.46 -8.01
C TRP A 413 27.90 -5.24 -8.47
N ILE A 414 28.62 -4.22 -8.90
CA ILE A 414 28.01 -3.00 -9.38
C ILE A 414 29.02 -2.13 -10.15
N ASN A 415 28.46 -1.27 -10.99
CA ASN A 415 29.21 -0.29 -11.75
C ASN A 415 28.08 0.52 -12.41
N ASN A 416 28.42 1.55 -13.17
CA ASN A 416 27.37 2.36 -13.76
C ASN A 416 26.27 1.64 -14.55
N ASP A 417 26.62 0.74 -15.44
CA ASP A 417 25.61 0.08 -16.26
C ASP A 417 25.24 -1.33 -15.85
N VAL A 418 25.96 -1.84 -14.85
CA VAL A 418 25.78 -3.21 -14.40
C VAL A 418 25.44 -3.31 -12.92
N TYR A 419 24.58 -4.25 -12.60
CA TYR A 419 24.18 -4.45 -11.23
C TYR A 419 23.92 -5.93 -10.96
N VAL A 420 24.57 -6.46 -9.94
CA VAL A 420 24.37 -7.85 -9.58
C VAL A 420 24.02 -7.78 -8.10
N TYR A 421 22.83 -8.25 -7.73
CA TYR A 421 22.40 -8.20 -6.34
C TYR A 421 21.89 -9.56 -5.91
N GLU A 422 21.83 -9.76 -4.61
CA GLU A 422 21.42 -11.05 -4.10
C GLU A 422 20.36 -11.02 -3.00
N ARG A 423 19.35 -11.85 -3.19
CA ARG A 423 18.25 -12.02 -2.25
C ARG A 423 18.58 -13.27 -1.47
N LYS A 424 18.26 -13.27 -0.19
CA LYS A 424 18.50 -14.40 0.66
C LYS A 424 17.55 -14.43 1.86
N PHE A 425 16.98 -15.60 2.11
CA PHE A 425 16.09 -15.82 3.25
C PHE A 425 16.46 -17.20 3.70
N GLY A 426 17.06 -17.29 4.89
CA GLY A 426 17.49 -18.56 5.43
C GLY A 426 18.49 -19.23 4.53
N LYS A 427 18.23 -20.49 4.19
CA LYS A 427 19.11 -21.22 3.30
C LYS A 427 18.85 -20.89 1.82
N SER A 428 17.67 -20.36 1.52
CA SER A 428 17.32 -20.03 0.13
C SER A 428 17.96 -18.74 -0.41
N VAL A 429 18.29 -18.75 -1.70
CA VAL A 429 18.98 -17.62 -2.32
C VAL A 429 18.44 -17.32 -3.72
N ALA A 430 18.82 -16.17 -4.27
CA ALA A 430 18.44 -15.77 -5.61
C ALA A 430 19.39 -14.64 -5.99
N VAL A 431 19.96 -14.71 -7.18
CA VAL A 431 20.90 -13.72 -7.68
C VAL A 431 20.39 -13.20 -9.03
N VAL A 432 20.49 -11.89 -9.21
CA VAL A 432 20.04 -11.24 -10.44
C VAL A 432 21.19 -10.35 -10.92
N ALA A 433 21.55 -10.50 -12.19
CA ALA A 433 22.61 -9.67 -12.78
C ALA A 433 21.92 -8.86 -13.87
N VAL A 434 22.20 -7.56 -13.93
CA VAL A 434 21.56 -6.67 -14.91
C VAL A 434 22.62 -5.88 -15.64
N ASN A 435 22.45 -5.75 -16.94
CA ASN A 435 23.36 -4.96 -17.76
C ASN A 435 22.48 -4.09 -18.65
N ARG A 436 22.28 -2.85 -18.24
CA ARG A 436 21.43 -1.97 -19.00
C ARG A 436 22.04 -1.51 -20.31
N ASN A 437 23.35 -1.68 -20.45
CA ASN A 437 23.98 -1.23 -21.67
C ASN A 437 23.50 -2.06 -22.85
N LEU A 438 22.91 -1.37 -23.82
CA LEU A 438 22.37 -2.00 -25.00
C LEU A 438 23.37 -2.23 -26.13
N SER A 439 24.60 -1.76 -25.99
CA SER A 439 25.58 -1.95 -27.03
C SER A 439 26.84 -2.71 -26.60
N THR A 440 27.10 -2.74 -25.31
CA THR A 440 28.29 -3.42 -24.84
C THR A 440 27.95 -4.44 -23.76
N SER A 441 28.76 -5.49 -23.72
CA SER A 441 28.62 -6.56 -22.74
C SER A 441 29.70 -6.33 -21.67
N ALA A 442 29.58 -7.02 -20.53
CA ALA A 442 30.51 -6.85 -19.42
C ALA A 442 31.22 -8.08 -18.95
N SER A 443 32.51 -7.96 -18.79
CA SER A 443 33.29 -9.07 -18.29
C SER A 443 33.21 -9.00 -16.76
N ILE A 444 32.33 -9.82 -16.20
CA ILE A 444 32.17 -9.84 -14.76
C ILE A 444 33.19 -10.83 -14.27
N THR A 445 34.10 -10.38 -13.41
CA THR A 445 35.13 -11.26 -12.84
C THR A 445 35.16 -11.01 -11.33
N GLY A 446 35.41 -12.07 -10.56
CA GLY A 446 35.46 -11.96 -9.10
C GLY A 446 34.14 -11.96 -8.34
N LEU A 447 33.05 -12.24 -9.03
CA LEU A 447 31.72 -12.25 -8.41
C LEU A 447 31.51 -13.34 -7.37
N SER A 448 31.03 -12.92 -6.20
CA SER A 448 30.78 -13.87 -5.12
C SER A 448 29.34 -13.82 -4.70
N THR A 449 28.72 -14.97 -4.60
CA THR A 449 27.37 -15.05 -4.16
C THR A 449 27.37 -16.01 -3.00
N SER A 450 26.17 -16.44 -2.59
CA SER A 450 26.05 -17.38 -1.49
C SER A 450 25.38 -18.60 -2.05
N LEU A 451 25.48 -18.76 -3.37
CA LEU A 451 24.93 -19.92 -4.05
C LEU A 451 25.88 -21.08 -3.75
N PRO A 452 25.36 -22.18 -3.18
CA PRO A 452 26.15 -23.37 -2.85
C PRO A 452 26.87 -23.85 -4.13
N THR A 453 27.93 -24.66 -4.00
CA THR A 453 28.62 -25.10 -5.21
C THR A 453 27.68 -25.83 -6.16
N GLY A 454 27.68 -25.38 -7.41
CA GLY A 454 26.84 -26.01 -8.40
C GLY A 454 26.95 -25.37 -9.77
N SER A 455 26.26 -25.96 -10.74
CA SER A 455 26.22 -25.43 -12.09
C SER A 455 24.84 -24.77 -12.06
N TYR A 456 24.77 -23.46 -12.23
CA TYR A 456 23.51 -22.74 -12.18
C TYR A 456 22.92 -22.22 -13.50
N THR A 457 21.64 -22.52 -13.72
CA THR A 457 20.86 -22.14 -14.92
C THR A 457 20.08 -20.80 -14.79
N ASP A 458 19.92 -20.07 -15.90
CA ASP A 458 19.20 -18.79 -15.96
C ASP A 458 17.72 -19.06 -16.00
N VAL A 459 17.04 -18.71 -14.91
CA VAL A 459 15.60 -18.91 -14.76
C VAL A 459 14.80 -18.43 -15.98
N LEU A 460 15.30 -17.41 -16.65
CA LEU A 460 14.63 -16.81 -17.81
C LEU A 460 14.89 -17.50 -19.15
N GLY A 461 15.71 -18.55 -19.12
CA GLY A 461 16.05 -19.30 -20.34
C GLY A 461 16.78 -18.53 -21.44
N GLY A 462 17.33 -17.38 -21.09
CA GLY A 462 18.02 -16.56 -22.04
C GLY A 462 17.07 -15.67 -22.84
N VAL A 463 15.81 -15.56 -22.43
CA VAL A 463 14.90 -14.70 -23.19
C VAL A 463 15.42 -13.27 -23.11
N LEU A 464 15.97 -12.93 -21.95
CA LEU A 464 16.51 -11.60 -21.75
C LEU A 464 18.02 -11.69 -21.72
N ASN A 465 18.53 -12.52 -22.62
CA ASN A 465 19.96 -12.75 -22.83
C ASN A 465 20.76 -13.18 -21.64
N GLY A 466 20.13 -14.00 -20.80
CA GLY A 466 20.79 -14.51 -19.62
C GLY A 466 21.64 -15.74 -19.96
N ASN A 467 22.69 -15.92 -19.18
CA ASN A 467 23.59 -17.03 -19.37
C ASN A 467 23.53 -17.99 -18.19
N ASN A 468 24.45 -18.95 -18.24
CA ASN A 468 24.57 -19.93 -17.19
C ASN A 468 25.91 -19.79 -16.48
N ILE A 469 25.83 -19.93 -15.16
CA ILE A 469 26.98 -19.80 -14.31
C ILE A 469 27.27 -21.13 -13.60
N THR A 470 28.34 -21.12 -12.83
CA THR A 470 28.81 -22.27 -12.10
C THR A 470 29.39 -21.69 -10.81
N SER A 471 28.86 -22.10 -9.68
CA SER A 471 29.34 -21.61 -8.41
C SER A 471 30.23 -22.64 -7.77
N THR A 472 31.28 -22.15 -7.13
CA THR A 472 32.23 -23.01 -6.45
C THR A 472 32.22 -22.32 -5.09
N ASN A 473 31.23 -22.64 -4.26
CA ASN A 473 31.08 -22.06 -2.91
C ASN A 473 30.93 -20.55 -2.95
N GLY A 474 29.95 -20.07 -3.69
CA GLY A 474 29.76 -18.65 -3.80
C GLY A 474 30.49 -18.12 -5.02
N SER A 475 31.73 -18.56 -5.16
CA SER A 475 32.58 -18.15 -6.26
C SER A 475 32.05 -18.50 -7.65
N ILE A 476 31.53 -17.47 -8.33
CA ILE A 476 31.01 -17.61 -9.68
C ILE A 476 32.22 -17.41 -10.55
N ASN A 477 32.30 -18.17 -11.63
CA ASN A 477 33.47 -18.05 -12.47
C ASN A 477 33.30 -17.06 -13.58
N ASN A 478 34.33 -16.22 -13.80
CA ASN A 478 34.38 -15.22 -14.86
C ASN A 478 33.41 -15.50 -15.99
N PHE A 479 32.54 -14.52 -16.27
CA PHE A 479 31.52 -14.66 -17.30
C PHE A 479 31.12 -13.34 -17.88
N THR A 480 30.64 -13.41 -19.10
CA THR A 480 30.19 -12.23 -19.79
C THR A 480 28.68 -12.05 -19.60
N LEU A 481 28.28 -10.79 -19.41
CA LEU A 481 26.89 -10.41 -19.23
C LEU A 481 26.67 -9.65 -20.52
N ALA A 482 25.90 -10.23 -21.41
CA ALA A 482 25.68 -9.65 -22.72
C ALA A 482 25.01 -8.30 -22.69
N ALA A 483 24.90 -7.65 -23.84
CA ALA A 483 24.28 -6.34 -23.93
C ALA A 483 22.80 -6.44 -23.63
N GLY A 484 22.36 -5.59 -22.70
CA GLY A 484 20.96 -5.57 -22.27
C GLY A 484 20.56 -6.90 -21.67
N ALA A 485 21.57 -7.68 -21.28
CA ALA A 485 21.34 -9.00 -20.72
C ALA A 485 20.86 -8.90 -19.30
N THR A 486 20.20 -9.97 -18.85
CA THR A 486 19.71 -10.08 -17.48
C THR A 486 19.53 -11.58 -17.25
N ALA A 487 19.99 -12.04 -16.10
CA ALA A 487 19.93 -13.44 -15.74
C ALA A 487 19.53 -13.52 -14.30
N VAL A 488 18.86 -14.61 -13.95
CA VAL A 488 18.40 -14.82 -12.58
C VAL A 488 18.78 -16.24 -12.22
N TRP A 489 19.61 -16.41 -11.20
CA TRP A 489 20.03 -17.73 -10.73
C TRP A 489 19.62 -17.79 -9.28
N GLN A 490 18.89 -18.83 -8.92
CA GLN A 490 18.41 -19.00 -7.55
C GLN A 490 18.85 -20.32 -6.92
N TYR A 491 18.39 -20.56 -5.69
CA TYR A 491 18.67 -21.76 -4.94
C TYR A 491 17.71 -21.92 -3.78
N THR A 492 16.82 -22.91 -3.90
CA THR A 492 15.83 -23.20 -2.84
C THR A 492 16.12 -24.57 -2.25
N THR A 493 15.83 -24.67 -0.95
CA THR A 493 15.99 -25.87 -0.17
C THR A 493 15.04 -25.82 1.05
N ALA A 494 14.90 -26.95 1.73
CA ALA A 494 14.02 -27.03 2.89
C ALA A 494 14.62 -26.34 4.11
N GLU A 495 13.79 -25.59 4.83
CA GLU A 495 14.25 -24.91 6.02
C GLU A 495 14.11 -25.86 7.22
N THR A 496 15.14 -25.90 8.07
CA THR A 496 15.13 -26.80 9.21
C THR A 496 14.84 -26.09 10.55
N THR A 497 15.26 -24.83 10.66
CA THR A 497 15.00 -24.06 11.88
C THR A 497 13.90 -23.05 11.57
N PRO A 498 13.12 -22.64 12.60
CA PRO A 498 12.08 -21.66 12.31
C PRO A 498 12.70 -20.33 11.91
N THR A 499 12.10 -19.70 10.91
CA THR A 499 12.61 -18.42 10.43
C THR A 499 11.43 -17.60 9.91
N ILE A 500 11.15 -16.47 10.58
CA ILE A 500 10.04 -15.56 10.22
C ILE A 500 10.28 -14.74 8.93
N GLY A 501 9.32 -14.74 8.03
CA GLY A 501 9.44 -13.99 6.80
C GLY A 501 8.43 -12.84 6.78
N HIS A 502 7.37 -12.97 7.58
CA HIS A 502 6.33 -11.96 7.68
C HIS A 502 5.44 -12.09 8.90
N VAL A 503 4.87 -10.96 9.32
CA VAL A 503 3.90 -10.91 10.42
C VAL A 503 2.82 -10.00 9.81
N GLY A 504 1.57 -10.47 9.75
CA GLY A 504 0.54 -9.64 9.16
C GLY A 504 -0.80 -9.63 9.88
N PRO A 505 -1.35 -8.46 10.28
CA PRO A 505 -0.80 -7.11 10.12
C PRO A 505 0.26 -6.90 11.19
N VAL A 506 0.82 -5.70 11.33
CA VAL A 506 1.83 -5.52 12.38
C VAL A 506 1.44 -4.52 13.43
N MET A 507 0.13 -4.39 13.65
CA MET A 507 -0.43 -3.47 14.62
C MET A 507 -1.83 -3.92 14.93
N GLY A 508 -2.17 -3.87 16.22
CA GLY A 508 -3.47 -4.29 16.69
C GLY A 508 -3.45 -4.39 18.21
N LYS A 509 -4.61 -4.65 18.78
CA LYS A 509 -4.76 -4.78 20.22
C LYS A 509 -4.94 -6.23 20.66
N PRO A 510 -4.82 -6.51 21.97
CA PRO A 510 -4.99 -7.89 22.41
C PRO A 510 -6.35 -8.41 21.96
N GLY A 511 -6.38 -9.66 21.49
CA GLY A 511 -7.62 -10.26 21.03
C GLY A 511 -7.70 -10.40 19.53
N ASN A 512 -6.84 -9.70 18.79
CA ASN A 512 -6.84 -9.83 17.33
C ASN A 512 -6.02 -11.07 16.85
N VAL A 513 -6.22 -11.51 15.61
CA VAL A 513 -5.47 -12.64 15.08
C VAL A 513 -4.45 -12.09 14.07
N VAL A 514 -3.20 -12.51 14.22
CA VAL A 514 -2.15 -12.08 13.30
C VAL A 514 -1.56 -13.29 12.58
N THR A 515 -1.04 -13.07 11.37
CA THR A 515 -0.46 -14.13 10.56
C THR A 515 1.07 -14.12 10.46
N ILE A 516 1.70 -15.16 10.99
CA ILE A 516 3.15 -15.23 10.91
C ILE A 516 3.58 -16.16 9.80
N ASP A 517 4.21 -15.60 8.78
CA ASP A 517 4.68 -16.38 7.65
C ASP A 517 6.17 -16.60 7.77
N GLY A 518 6.62 -17.73 7.26
CA GLY A 518 8.03 -18.00 7.33
C GLY A 518 8.26 -19.40 6.83
N ARG A 519 9.23 -20.06 7.42
CA ARG A 519 9.59 -21.42 7.07
C ARG A 519 10.12 -22.08 8.32
N GLY A 520 10.14 -23.41 8.31
CA GLY A 520 10.69 -24.18 9.40
C GLY A 520 10.02 -24.16 10.76
N PHE A 521 8.84 -23.56 10.84
CA PHE A 521 8.13 -23.51 12.11
C PHE A 521 7.83 -24.93 12.56
N GLY A 522 7.74 -25.84 11.60
CA GLY A 522 7.44 -27.21 11.93
C GLY A 522 5.95 -27.45 11.88
N SER A 523 5.51 -28.64 12.26
CA SER A 523 4.09 -28.97 12.23
C SER A 523 3.53 -29.07 13.63
N THR A 524 4.38 -29.50 14.57
CA THR A 524 3.96 -29.64 15.94
C THR A 524 3.97 -28.25 16.54
N LYS A 525 2.76 -27.80 16.91
CA LYS A 525 2.51 -26.49 17.51
C LYS A 525 3.59 -26.17 18.51
N GLY A 526 4.08 -24.94 18.46
CA GLY A 526 5.12 -24.53 19.38
C GLY A 526 4.63 -23.39 20.24
N THR A 527 5.41 -22.30 20.24
CA THR A 527 5.07 -21.12 21.01
C THR A 527 5.57 -19.85 20.35
N VAL A 528 4.76 -18.80 20.50
CA VAL A 528 5.04 -17.48 19.94
C VAL A 528 5.49 -16.57 21.05
N TYR A 529 6.11 -15.47 20.68
CA TYR A 529 6.56 -14.52 21.67
C TYR A 529 6.24 -13.11 21.26
N PHE A 530 5.69 -12.35 22.18
CA PHE A 530 5.45 -10.95 21.89
C PHE A 530 6.33 -10.34 22.98
N GLY A 531 7.61 -10.25 22.67
CA GLY A 531 8.53 -9.73 23.65
C GLY A 531 9.04 -10.88 24.49
N THR A 532 8.56 -10.95 25.72
CA THR A 532 8.93 -12.00 26.66
C THR A 532 7.70 -12.81 26.96
N THR A 533 6.60 -12.42 26.34
CA THR A 533 5.35 -13.08 26.62
C THR A 533 5.16 -14.24 25.67
N ALA A 534 4.92 -15.41 26.27
CA ALA A 534 4.74 -16.65 25.54
C ALA A 534 3.27 -16.92 25.29
N VAL A 535 2.94 -17.11 24.02
CA VAL A 535 1.57 -17.39 23.61
C VAL A 535 1.56 -18.84 23.19
N THR A 536 0.70 -19.60 23.87
CA THR A 536 0.61 -21.03 23.65
C THR A 536 -0.74 -21.68 23.71
N GLY A 537 -0.80 -22.90 23.17
CA GLY A 537 -2.03 -23.64 23.18
C GLY A 537 -3.05 -23.12 22.21
N ALA A 538 -4.29 -23.01 22.69
CA ALA A 538 -5.41 -22.54 21.89
C ALA A 538 -5.33 -21.09 21.45
N ALA A 539 -4.35 -20.37 22.00
CA ALA A 539 -4.12 -18.98 21.60
C ALA A 539 -3.53 -19.04 20.18
N ILE A 540 -2.76 -20.08 19.93
CA ILE A 540 -2.18 -20.27 18.62
C ILE A 540 -3.26 -20.94 17.79
N THR A 541 -4.16 -20.12 17.26
CA THR A 541 -5.27 -20.60 16.45
C THR A 541 -4.89 -21.60 15.33
N SER A 542 -3.65 -21.51 14.82
CA SER A 542 -3.17 -22.40 13.75
C SER A 542 -1.65 -22.49 13.77
N TRP A 543 -1.12 -23.61 13.28
CA TRP A 543 0.31 -23.82 13.23
C TRP A 543 0.74 -24.81 12.17
N GLU A 544 1.68 -24.37 11.33
CA GLU A 544 2.28 -25.18 10.28
C GLU A 544 3.52 -24.45 9.74
N ASP A 545 4.47 -25.24 9.28
CA ASP A 545 5.74 -24.78 8.77
C ASP A 545 5.83 -23.41 8.15
N THR A 546 4.95 -23.09 7.22
CA THR A 546 5.01 -21.80 6.54
C THR A 546 4.10 -20.66 7.05
N GLN A 547 3.29 -20.95 8.06
CA GLN A 547 2.39 -19.96 8.59
C GLN A 547 1.82 -20.36 9.92
N ILE A 548 1.68 -19.39 10.81
CA ILE A 548 1.11 -19.59 12.14
C ILE A 548 0.05 -18.51 12.33
N LYS A 549 -1.11 -18.87 12.85
CA LYS A 549 -2.14 -17.88 13.11
C LYS A 549 -2.18 -17.78 14.62
N VAL A 550 -1.78 -16.65 15.18
CA VAL A 550 -1.79 -16.51 16.63
C VAL A 550 -2.66 -15.34 17.09
N THR A 551 -2.98 -15.32 18.39
CA THR A 551 -3.80 -14.29 18.96
C THR A 551 -2.90 -13.31 19.68
N ILE A 552 -3.19 -12.01 19.56
CA ILE A 552 -2.40 -10.96 20.25
C ILE A 552 -2.73 -11.09 21.73
N PRO A 553 -1.74 -11.49 22.54
CA PRO A 553 -1.89 -11.67 23.99
C PRO A 553 -2.20 -10.37 24.68
N SER A 554 -2.87 -10.47 25.83
CA SER A 554 -3.24 -9.29 26.62
C SER A 554 -2.06 -8.66 27.38
N VAL A 555 -1.07 -8.12 26.67
CA VAL A 555 0.06 -7.49 27.34
C VAL A 555 -0.01 -5.98 27.22
N ALA A 556 0.90 -5.33 27.94
CA ALA A 556 1.00 -3.87 27.98
C ALA A 556 1.21 -3.25 26.61
N ALA A 557 0.35 -2.27 26.29
CA ALA A 557 0.44 -1.55 25.01
C ALA A 557 1.85 -0.99 24.82
N GLY A 558 2.43 -1.25 23.65
CA GLY A 558 3.76 -0.78 23.32
C GLY A 558 4.28 -1.42 22.04
N ASN A 559 5.54 -1.16 21.70
CA ASN A 559 6.16 -1.73 20.51
C ASN A 559 6.88 -3.02 20.91
N TYR A 560 6.52 -4.12 20.27
CA TYR A 560 7.08 -5.43 20.57
C TYR A 560 7.81 -6.14 19.41
N ALA A 561 8.42 -7.28 19.70
CA ALA A 561 9.12 -8.04 18.67
C ALA A 561 8.66 -9.49 18.74
N VAL A 562 8.16 -9.98 17.62
CA VAL A 562 7.68 -11.35 17.57
C VAL A 562 8.78 -12.35 17.31
N LYS A 563 8.79 -13.38 18.14
CA LYS A 563 9.78 -14.44 18.05
C LYS A 563 8.93 -15.69 18.06
N VAL A 564 9.42 -16.74 17.39
CA VAL A 564 8.68 -17.98 17.37
C VAL A 564 9.64 -19.06 17.83
N ALA A 565 9.15 -20.15 18.41
CA ALA A 565 10.08 -21.19 18.87
C ALA A 565 9.66 -22.60 18.51
N ALA A 566 10.24 -23.10 17.44
CA ALA A 566 9.95 -24.45 16.95
C ALA A 566 11.01 -25.38 17.50
N SER A 567 10.63 -26.13 18.53
CA SER A 567 11.52 -27.08 19.18
C SER A 567 12.69 -26.39 19.92
N GLY A 568 12.33 -25.51 20.86
CA GLY A 568 13.32 -24.79 21.65
C GLY A 568 14.17 -23.79 20.90
N VAL A 569 14.33 -24.03 19.60
CA VAL A 569 15.11 -23.16 18.73
C VAL A 569 14.28 -21.94 18.33
N ASN A 570 14.60 -20.83 18.96
CA ASN A 570 13.87 -19.62 18.67
C ASN A 570 14.34 -19.08 17.33
N SER A 571 13.39 -18.57 16.54
CA SER A 571 13.65 -17.99 15.23
C SER A 571 14.24 -16.62 15.47
N ASN A 572 14.33 -15.84 14.39
CA ASN A 572 14.81 -14.46 14.44
C ASN A 572 13.59 -13.66 14.94
N ALA A 573 13.74 -12.36 15.13
CA ALA A 573 12.60 -11.54 15.59
C ALA A 573 12.07 -10.56 14.57
N TYR A 574 10.76 -10.52 14.43
CA TYR A 574 10.10 -9.59 13.51
C TYR A 574 9.84 -8.45 14.46
N ASN A 575 10.75 -7.49 14.41
CA ASN A 575 10.68 -6.33 15.27
C ASN A 575 9.49 -5.50 14.87
N ASN A 576 9.17 -4.55 15.74
CA ASN A 576 8.12 -3.57 15.53
C ASN A 576 6.69 -4.02 15.41
N PHE A 577 6.27 -4.92 16.27
CA PHE A 577 4.86 -5.24 16.21
C PHE A 577 4.24 -4.24 17.18
N THR A 578 3.31 -3.43 16.73
CA THR A 578 2.65 -2.48 17.62
C THR A 578 1.40 -3.09 18.29
N ILE A 579 1.41 -3.16 19.62
CA ILE A 579 0.26 -3.65 20.35
C ILE A 579 -0.46 -2.44 20.91
N LEU A 580 -1.75 -2.34 20.62
CA LEU A 580 -2.55 -1.23 21.08
C LEU A 580 -3.04 -1.45 22.51
N THR A 581 -3.82 -0.50 23.00
CA THR A 581 -4.39 -0.58 24.33
C THR A 581 -5.78 -1.20 24.19
N GLY A 582 -6.32 -1.14 22.98
CA GLY A 582 -7.63 -1.71 22.76
C GLY A 582 -8.30 -0.89 21.67
N ASP A 583 -9.62 -0.93 21.58
CA ASP A 583 -10.29 -0.17 20.56
C ASP A 583 -9.95 1.32 20.59
N GLN A 584 -9.86 1.89 19.40
CA GLN A 584 -9.49 3.27 19.22
C GLN A 584 -10.66 4.13 18.77
N VAL A 585 -10.57 5.42 19.10
CA VAL A 585 -11.54 6.42 18.69
C VAL A 585 -10.66 7.63 18.34
N THR A 586 -11.19 8.55 17.57
CA THR A 586 -10.40 9.73 17.22
C THR A 586 -10.79 11.02 18.00
N VAL A 587 -9.82 11.55 18.75
CA VAL A 587 -9.98 12.75 19.58
C VAL A 587 -9.15 13.95 19.12
N ARG A 588 -9.82 15.07 18.81
CA ARG A 588 -9.13 16.27 18.35
C ARG A 588 -8.71 17.10 19.53
N PHE A 589 -7.41 17.24 19.74
CA PHE A 589 -6.94 18.00 20.87
C PHE A 589 -6.74 19.46 20.57
N VAL A 590 -7.24 20.33 21.43
CA VAL A 590 -7.10 21.73 21.18
C VAL A 590 -6.56 22.38 22.43
N VAL A 591 -5.47 23.12 22.27
CA VAL A 591 -4.80 23.81 23.35
C VAL A 591 -4.76 25.25 22.93
N ASN A 592 -5.02 26.15 23.87
CA ASN A 592 -5.04 27.58 23.59
C ASN A 592 -3.90 28.25 24.28
N ASN A 593 -3.57 29.44 23.79
CA ASN A 593 -2.53 30.29 24.34
C ASN A 593 -1.16 29.63 24.33
N ALA A 594 -0.94 28.79 23.32
CA ALA A 594 0.34 28.11 23.21
C ALA A 594 1.25 28.96 22.35
N SER A 595 1.86 29.99 22.92
CA SER A 595 2.75 30.86 22.14
C SER A 595 4.17 30.31 21.99
N THR A 596 4.53 29.93 20.77
CA THR A 596 5.86 29.39 20.55
C THR A 596 6.82 30.46 20.06
N THR A 597 8.09 30.13 20.14
CA THR A 597 9.13 31.01 19.68
C THR A 597 9.35 30.63 18.21
N LEU A 598 10.22 31.36 17.52
CA LEU A 598 10.53 31.06 16.12
C LEU A 598 11.17 29.71 16.08
N GLY A 599 10.55 28.80 15.36
CA GLY A 599 11.09 27.46 15.26
C GLY A 599 10.71 26.55 16.39
N GLN A 600 9.77 26.96 17.23
CA GLN A 600 9.35 26.08 18.30
C GLN A 600 8.07 25.31 17.92
N ASN A 601 7.81 24.17 18.59
CA ASN A 601 6.61 23.37 18.30
C ASN A 601 5.97 22.75 19.52
N LEU A 602 4.74 22.29 19.35
CA LEU A 602 3.96 21.63 20.39
C LEU A 602 3.71 20.15 20.09
N TYR A 603 3.85 19.33 21.11
CA TYR A 603 3.61 17.92 20.98
C TYR A 603 2.67 17.44 22.07
N LEU A 604 2.08 16.29 21.85
CA LEU A 604 1.18 15.71 22.81
C LEU A 604 1.80 14.47 23.37
N THR A 605 1.52 14.20 24.64
CA THR A 605 2.01 12.99 25.27
C THR A 605 1.20 12.72 26.54
N GLY A 606 0.92 11.44 26.80
CA GLY A 606 0.10 11.08 27.94
C GLY A 606 0.39 9.72 28.52
N ASN A 607 -0.44 9.30 29.47
CA ASN A 607 -0.27 8.03 30.18
C ASN A 607 -0.61 6.70 29.48
N VAL A 608 -0.71 6.71 28.15
CA VAL A 608 -1.03 5.47 27.44
C VAL A 608 -0.12 5.43 26.23
N ALA A 609 0.18 4.24 25.74
CA ALA A 609 1.06 4.11 24.58
C ALA A 609 0.62 4.96 23.39
N GLU A 610 -0.68 4.96 23.09
CA GLU A 610 -1.16 5.74 21.97
C GLU A 610 -0.67 7.21 22.02
N LEU A 611 -0.45 7.74 23.23
CA LEU A 611 0.05 9.11 23.36
C LEU A 611 1.56 9.14 23.63
N GLY A 612 2.19 7.97 23.62
CA GLY A 612 3.64 7.87 23.78
C GLY A 612 4.18 7.62 25.17
N ASN A 613 3.30 7.23 26.08
CA ASN A 613 3.71 6.97 27.44
C ASN A 613 4.72 7.96 27.97
N TRP A 614 4.26 9.21 28.08
CA TRP A 614 5.04 10.34 28.61
C TRP A 614 6.40 10.64 27.98
N SER A 615 6.51 10.50 26.68
CA SER A 615 7.79 10.75 26.04
C SER A 615 7.83 12.03 25.25
N THR A 616 9.04 12.46 24.97
CA THR A 616 9.24 13.65 24.18
C THR A 616 9.93 13.17 22.92
N GLY A 617 9.93 11.85 22.73
CA GLY A 617 10.59 11.24 21.58
C GLY A 617 9.86 11.27 20.26
N SER A 618 10.08 10.21 19.49
CA SER A 618 9.45 10.05 18.20
C SER A 618 8.08 9.51 18.47
N THR A 619 7.93 8.95 19.66
CA THR A 619 6.68 8.38 20.15
C THR A 619 5.64 9.44 20.59
N ALA A 620 6.06 10.70 20.69
CA ALA A 620 5.15 11.77 21.08
C ALA A 620 4.34 12.20 19.87
N ILE A 621 3.16 12.76 20.15
CA ILE A 621 2.27 13.26 19.11
C ILE A 621 2.60 14.67 18.65
N GLY A 622 2.45 14.95 17.38
CA GLY A 622 2.78 16.27 16.90
C GLY A 622 3.83 16.18 15.80
N PRO A 623 4.36 17.31 15.32
CA PRO A 623 4.01 18.66 15.76
C PRO A 623 2.54 18.93 15.50
N ALA A 624 1.91 19.69 16.38
CA ALA A 624 0.50 20.03 16.22
C ALA A 624 0.30 21.03 15.09
N PHE A 625 -0.93 21.13 14.60
CA PHE A 625 -1.28 22.04 13.52
C PHE A 625 -1.78 23.36 14.16
N ASN A 626 -1.89 24.40 13.33
CA ASN A 626 -2.33 25.74 13.77
C ASN A 626 -2.62 26.68 12.60
N GLN A 627 -3.48 26.28 11.67
CA GLN A 627 -3.78 27.12 10.52
C GLN A 627 -5.18 27.03 9.96
N VAL A 628 -5.60 25.81 9.62
CA VAL A 628 -6.88 25.61 8.99
C VAL A 628 -8.02 25.53 9.96
N ILE A 629 -8.14 24.39 10.65
CA ILE A 629 -9.23 24.16 11.57
C ILE A 629 -9.18 25.13 12.77
N HIS A 630 -7.98 25.42 13.27
CA HIS A 630 -7.78 26.33 14.41
C HIS A 630 -6.49 27.07 14.14
N GLN A 631 -6.37 28.32 14.56
CA GLN A 631 -5.12 29.04 14.28
C GLN A 631 -4.29 29.32 15.50
N TYR A 632 -3.07 29.80 15.26
CA TYR A 632 -2.10 30.13 16.31
C TYR A 632 -2.59 31.36 17.05
N PRO A 633 -2.40 31.41 18.39
CA PRO A 633 -1.76 30.41 19.25
C PRO A 633 -2.65 29.24 19.73
N THR A 634 -3.59 28.84 18.91
CA THR A 634 -4.40 27.71 19.27
C THR A 634 -3.90 26.62 18.36
N TRP A 635 -3.54 25.48 18.94
CA TRP A 635 -3.04 24.37 18.17
C TRP A 635 -4.02 23.24 18.29
N TYR A 636 -3.97 22.30 17.35
CA TYR A 636 -4.87 21.17 17.41
C TYR A 636 -4.28 19.98 16.70
N TYR A 637 -4.74 18.79 17.09
CA TYR A 637 -4.27 17.58 16.46
C TYR A 637 -5.21 16.40 16.69
N ASP A 638 -5.53 15.69 15.61
CA ASP A 638 -6.42 14.52 15.71
C ASP A 638 -5.55 13.31 16.05
N VAL A 639 -5.91 12.59 17.11
CA VAL A 639 -5.15 11.41 17.51
C VAL A 639 -6.00 10.14 17.74
N SER A 640 -5.49 8.99 17.31
CA SER A 640 -6.15 7.71 17.52
C SER A 640 -5.72 7.42 18.94
N VAL A 641 -6.64 6.97 19.79
CA VAL A 641 -6.31 6.76 21.22
C VAL A 641 -7.39 5.84 21.82
N PRO A 642 -7.02 4.95 22.78
CA PRO A 642 -7.99 4.03 23.37
C PRO A 642 -9.34 4.60 23.78
N ALA A 643 -10.37 3.85 23.46
CA ALA A 643 -11.75 4.22 23.73
C ALA A 643 -12.17 3.85 25.15
N GLY A 644 -12.99 4.72 25.75
CA GLY A 644 -13.50 4.53 27.10
C GLY A 644 -12.45 4.45 28.20
N LYS A 645 -11.34 5.17 28.02
CA LYS A 645 -10.23 5.16 28.94
C LYS A 645 -9.89 6.56 29.46
N GLN A 646 -9.57 6.65 30.74
CA GLN A 646 -9.20 7.90 31.38
C GLN A 646 -7.76 8.22 31.02
N LEU A 647 -7.60 9.30 30.28
CA LEU A 647 -6.31 9.75 29.82
C LEU A 647 -5.80 10.97 30.56
N GLU A 648 -4.50 11.02 30.72
CA GLU A 648 -3.83 12.14 31.34
C GLU A 648 -2.93 12.52 30.20
N PHE A 649 -2.73 13.82 30.02
CA PHE A 649 -1.88 14.28 28.94
C PHE A 649 -1.40 15.66 29.26
N LYS A 650 -0.36 16.08 28.57
CA LYS A 650 0.20 17.40 28.79
C LYS A 650 0.95 17.74 27.54
N PHE A 651 0.87 19.01 27.16
CA PHE A 651 1.54 19.52 25.97
C PHE A 651 2.96 19.95 26.31
N PHE A 652 3.82 20.03 25.29
CA PHE A 652 5.16 20.49 25.53
C PHE A 652 5.73 21.10 24.28
N LYS A 653 6.52 22.16 24.46
CA LYS A 653 7.20 22.86 23.36
C LYS A 653 8.64 22.37 23.28
N LYS A 654 9.07 22.08 22.06
CA LYS A 654 10.42 21.59 21.79
C LYS A 654 10.90 22.50 20.67
N ASN A 655 12.20 22.78 20.64
CA ASN A 655 12.78 23.68 19.62
C ASN A 655 14.24 23.37 19.32
N GLY A 656 14.80 22.49 20.13
CA GLY A 656 16.16 22.02 19.98
C GLY A 656 15.91 20.68 20.63
N SER A 657 16.77 20.26 21.55
CA SER A 657 16.50 19.03 22.26
C SER A 657 15.69 19.53 23.47
N THR A 658 15.90 20.81 23.78
CA THR A 658 15.27 21.49 24.91
C THR A 658 13.73 21.54 24.93
N ILE A 659 13.18 20.77 25.85
CA ILE A 659 11.76 20.62 26.03
C ILE A 659 11.28 21.57 27.09
N THR A 660 10.01 21.99 27.00
CA THR A 660 9.41 22.86 28.00
C THR A 660 7.98 22.36 28.18
N TRP A 661 7.70 21.84 29.36
CA TRP A 661 6.38 21.30 29.65
C TRP A 661 5.34 22.32 30.17
N GLU A 662 4.08 21.92 30.10
CA GLU A 662 2.98 22.71 30.61
C GLU A 662 3.13 22.58 32.10
N SER A 663 2.67 23.59 32.82
CA SER A 663 2.76 23.61 34.27
C SER A 663 1.54 22.97 34.93
N GLY A 664 1.57 22.93 36.24
CA GLY A 664 0.44 22.41 37.00
C GLY A 664 0.13 20.94 36.85
N SER A 665 -1.15 20.62 36.97
CA SER A 665 -1.59 19.24 36.85
C SER A 665 -1.82 18.79 35.40
N ASN A 666 -1.68 17.49 35.19
CA ASN A 666 -1.90 16.91 33.89
C ASN A 666 -3.36 17.19 33.59
N HIS A 667 -3.66 17.34 32.30
CA HIS A 667 -5.03 17.57 31.89
C HIS A 667 -5.58 16.15 31.77
N THR A 668 -6.85 15.99 32.09
CA THR A 668 -7.45 14.68 31.97
C THR A 668 -8.61 14.74 30.99
N PHE A 669 -9.06 13.56 30.59
CA PHE A 669 -10.16 13.39 29.66
C PHE A 669 -10.57 11.92 29.78
N THR A 670 -11.85 11.65 29.60
CA THR A 670 -12.29 10.26 29.61
C THR A 670 -12.78 10.15 28.17
N THR A 671 -12.05 9.40 27.35
CA THR A 671 -12.39 9.23 25.93
C THR A 671 -13.71 8.56 25.68
N PRO A 672 -14.35 8.90 24.56
CA PRO A 672 -15.64 8.27 24.25
C PRO A 672 -15.35 6.79 24.00
N ALA A 673 -16.35 5.95 24.21
CA ALA A 673 -16.19 4.52 23.97
C ALA A 673 -16.33 4.17 22.48
N SER A 674 -16.58 5.18 21.64
CA SER A 674 -16.73 4.96 20.22
C SER A 674 -16.84 6.27 19.46
N GLY A 675 -16.49 6.21 18.18
CA GLY A 675 -16.58 7.36 17.30
C GLY A 675 -15.47 8.38 17.39
N THR A 676 -15.86 9.64 17.56
CA THR A 676 -14.91 10.74 17.62
C THR A 676 -15.30 11.74 18.68
N ALA A 677 -14.38 12.65 19.04
CA ALA A 677 -14.61 13.68 20.05
C ALA A 677 -13.54 14.80 20.10
N THR A 678 -13.93 15.96 20.62
CA THR A 678 -13.02 17.10 20.75
C THR A 678 -12.74 17.37 22.24
N VAL A 679 -11.59 17.97 22.53
CA VAL A 679 -11.20 18.26 23.91
C VAL A 679 -10.24 19.47 23.95
N THR A 680 -10.81 20.59 24.42
CA THR A 680 -10.11 21.86 24.50
C THR A 680 -9.56 22.16 25.88
N VAL A 681 -8.33 22.64 25.91
CA VAL A 681 -7.64 22.95 27.13
C VAL A 681 -6.80 24.20 26.92
N ASN A 682 -6.31 24.78 28.02
CA ASN A 682 -5.48 25.98 27.94
C ASN A 682 -4.07 25.71 28.36
N TRP A 683 -3.12 26.27 27.62
CA TRP A 683 -1.74 26.04 27.94
C TRP A 683 -1.43 26.52 29.36
N GLN A 684 -1.15 25.54 30.22
CA GLN A 684 -0.81 25.77 31.62
C GLN A 684 0.61 26.29 31.81
CA CA B . -9.36 15.72 3.34
CA CA C . -20.11 -2.61 -19.67
#